data_9GTD
#
_entry.id   9GTD
#
_cell.length_a   97.415
_cell.length_b   102.936
_cell.length_c   129.673
_cell.angle_alpha   90.00
_cell.angle_beta   90.00
_cell.angle_gamma   90.00
#
_symmetry.space_group_name_H-M   'P 21 21 21'
#
loop_
_entity.id
_entity.type
_entity.pdbx_description
1 polymer 'Lysosomal alpha-glucosidase'
2 branched 2-acetamido-2-deoxy-beta-D-glucopyranose-(1-4)-[alpha-L-fucopyranose-(1-6)]2-acetamido-2-deoxy-beta-D-glucopyranose
3 branched 2-acetamido-2-deoxy-beta-D-glucopyranose-(1-4)-2-acetamido-2-deoxy-beta-D-glucopyranose
4 branched beta-D-mannopyranose-(1-4)-2-acetamido-2-deoxy-beta-D-glucopyranose-(1-4)-2-acetamido-2-deoxy-beta-D-glucopyranose
5 non-polymer (2~{R},3~{R},4~{R},5~{S})-2-(2-cyclohexylethyl)-2-(hydroxymethyl)piperidine-3,4,5-triol
6 non-polymer 'SULFATE ION'
7 non-polymer 'CHLORIDE ION'
8 non-polymer GLYCEROL
9 non-polymer DI(HYDROXYETHYL)ETHER
10 non-polymer 1,2-ETHANEDIOL
11 water water
#
_entity_poly.entity_id   1
_entity_poly.type   'polypeptide(L)'
_entity_poly.pdbx_seq_one_letter_code
;MGVRHPPCSHRLLAVCALVSLATAALLGHILLHDFLLVPRELSGSSPVLEETHPAHQQGASRPGPRDAQAHPGRPRAVPT
QCDVPPNSRFDCAPDKAITQEQCEARGCCYIPAKQGLQGAQMGQPWCFFPPSYPSYKLENLSSSEMGYTATLTRTTPTFF
PKDILTLRLDVMMETENRLHFTIKDPANRRYEVPLETPRVHSRAPSPLYSVEFSEEPFGVIVHRQLDGRVLLNTTVAPLF
FADQFLQLSTSLPSQYITGLAEHLSPLMLSTSWTRITLWNRDLAPTPGANLYGSHPFYLALEDGGSAHGVFLLNSNAMDV
VLQPSPALSWRSTGGILDVYIFLGPEPKSVVQQYLDVVGYPFMPPYWGLGFHLCRWGYSSTAITRQVVENMTRAHFPLDV
QWNDLDYMDSRRDFTFNKDGFRDFPAMVQELHQGGRRYMMIVDPAISSSGPAGSYRPYDEGLRRGVFITNETGQPLIGKV
WPGSTAFPDFTNPTALAWWEDMVAEFHDQVPFDGMWIDMNEPSNFIRGSEDGCPNNELENPPYVPGVVGGTLQAATICAS
SHQFLSTHYNLHNLYGLTEAIASHRALVKARGTRPFVISRSTFAGHGRYAGHWTGDVWSSWEQLASSVPEILQFNLLGVP
LVGADVCGFLGNTSEELCVRWTQLGAFYPFMRNHNSLLSLPQEPYSFSEPAQQAMRKALTLRYALLPHLYTLFHQAHVAG
ETVARPLFLEFPKDSSTWTVDHQLLWGEALLITPVLQAGKAEVTGYFPLGTWYDLQTVPIEALGSLPPPPAAPREPAIHS
EGQWVTLPAPLDTINVHLRAGYIIPLQGPGLTTTESRQQPMALAVALTKGGEARGELFWDDGESLEVLERGAYTQVIFLA
RNNTIVNELVRVTSEGAGLQLQKVTVLGVATAPQQVLSNGVPVSNFTYSPDTKVLDICVSLLMGEQFLVSWC
;
_entity_poly.pdbx_strand_id   A
#
# COMPACT_ATOMS: atom_id res chain seq x y z
N GLN A 81 -32.32 -9.65 30.06
CA GLN A 81 -30.95 -10.26 30.06
C GLN A 81 -30.62 -10.83 28.69
N CYS A 82 -31.63 -11.34 27.97
CA CYS A 82 -31.39 -11.88 26.64
C CYS A 82 -32.10 -11.07 25.56
N ASP A 83 -32.65 -9.93 25.99
CA ASP A 83 -33.36 -8.99 25.14
C ASP A 83 -32.31 -8.05 24.50
N VAL A 84 -31.54 -8.59 23.56
CA VAL A 84 -30.53 -7.82 22.85
C VAL A 84 -30.95 -7.76 21.37
N PRO A 85 -31.04 -6.55 20.78
CA PRO A 85 -31.41 -6.39 19.38
C PRO A 85 -30.47 -7.21 18.51
N PRO A 86 -30.98 -7.86 17.43
CA PRO A 86 -30.18 -8.81 16.66
C PRO A 86 -28.80 -8.33 16.20
N ASN A 87 -28.71 -7.11 15.67
CA ASN A 87 -27.50 -6.61 15.05
C ASN A 87 -26.43 -6.29 16.11
N SER A 88 -26.83 -6.37 17.38
CA SER A 88 -26.04 -5.97 18.55
C SER A 88 -25.57 -7.18 19.36
N ARG A 89 -25.82 -8.41 18.89
CA ARG A 89 -25.44 -9.61 19.61
C ARG A 89 -23.97 -9.93 19.29
N PHE A 90 -23.18 -10.17 20.34
CA PHE A 90 -21.77 -10.45 20.17
C PHE A 90 -21.59 -11.92 20.51
N ASP A 91 -20.80 -12.61 19.67
CA ASP A 91 -20.72 -14.07 19.63
C ASP A 91 -20.08 -14.63 20.90
N CYS A 92 -20.80 -15.53 21.60
CA CYS A 92 -20.31 -16.17 22.82
C CYS A 92 -19.75 -17.58 22.51
N ALA A 93 -19.85 -18.02 21.25
CA ALA A 93 -19.22 -19.27 20.84
C ALA A 93 -18.41 -19.04 19.58
N PRO A 94 -17.37 -18.16 19.60
CA PRO A 94 -16.54 -17.92 18.42
C PRO A 94 -15.58 -19.09 18.08
N ASP A 95 -15.48 -20.06 19.01
CA ASP A 95 -14.49 -21.11 19.08
C ASP A 95 -15.00 -22.44 18.52
N LYS A 96 -16.32 -22.69 18.61
CA LYS A 96 -16.86 -23.98 18.20
C LYS A 96 -18.37 -23.91 17.95
N ALA A 97 -18.87 -24.93 17.25
CA ALA A 97 -20.29 -25.26 17.18
C ALA A 97 -20.79 -25.54 18.59
N ILE A 98 -21.94 -24.95 18.94
CA ILE A 98 -22.42 -25.05 20.31
C ILE A 98 -23.93 -25.38 20.32
N THR A 99 -24.34 -26.19 21.30
CA THR A 99 -25.76 -26.43 21.53
C THR A 99 -26.32 -25.41 22.51
N GLN A 100 -27.64 -25.38 22.63
CA GLN A 100 -28.28 -24.42 23.50
C GLN A 100 -27.79 -24.62 24.93
N GLU A 101 -27.58 -25.89 25.30
CA GLU A 101 -27.37 -26.24 26.69
C GLU A 101 -25.98 -25.76 27.10
N GLN A 102 -24.98 -26.07 26.26
CA GLN A 102 -23.61 -25.59 26.42
C GLN A 102 -23.55 -24.06 26.38
N CYS A 103 -24.27 -23.42 25.44
CA CYS A 103 -24.40 -21.97 25.40
C CYS A 103 -24.85 -21.45 26.76
N GLU A 104 -25.98 -21.97 27.26
CA GLU A 104 -26.55 -21.48 28.51
C GLU A 104 -25.63 -21.79 29.70
N ALA A 105 -24.83 -22.87 29.61
CA ALA A 105 -23.90 -23.25 30.66
C ALA A 105 -22.66 -22.35 30.67
N ARG A 106 -22.34 -21.69 29.55
CA ARG A 106 -21.27 -20.69 29.49
C ARG A 106 -21.74 -19.39 30.14
N GLY A 107 -23.04 -19.34 30.50
CA GLY A 107 -23.71 -18.13 30.97
C GLY A 107 -24.09 -17.16 29.83
N CYS A 108 -24.40 -17.69 28.63
CA CYS A 108 -24.78 -16.91 27.45
C CYS A 108 -26.26 -17.12 27.02
N CYS A 109 -26.76 -16.28 26.09
CA CYS A 109 -28.10 -16.42 25.54
C CYS A 109 -28.11 -17.16 24.20
N TYR A 110 -29.05 -18.10 24.03
CA TYR A 110 -29.30 -18.84 22.79
C TYR A 110 -30.60 -18.33 22.15
N ILE A 111 -30.49 -17.63 21.02
CA ILE A 111 -31.68 -17.30 20.26
C ILE A 111 -31.37 -17.49 18.79
N PRO A 112 -31.94 -18.52 18.13
CA PRO A 112 -31.69 -18.77 16.71
C PRO A 112 -31.98 -17.53 15.85
N ALA A 113 -31.11 -17.25 14.86
CA ALA A 113 -31.43 -16.28 13.84
C ALA A 113 -32.68 -16.80 13.11
N LYS A 114 -33.47 -15.89 12.56
CA LYS A 114 -34.72 -16.26 11.92
C LYS A 114 -34.48 -16.72 10.47
N GLN A 115 -33.21 -16.66 10.03
CA GLN A 115 -32.82 -16.92 8.66
C GLN A 115 -31.34 -17.30 8.68
N GLY A 123 -22.60 -15.50 10.22
CA GLY A 123 -23.93 -14.79 10.37
C GLY A 123 -24.05 -14.19 11.77
N GLN A 124 -25.17 -13.52 12.02
CA GLN A 124 -25.63 -13.24 13.36
C GLN A 124 -25.40 -14.46 14.27
N PRO A 125 -24.74 -14.33 15.44
CA PRO A 125 -24.53 -15.47 16.35
C PRO A 125 -25.79 -15.93 17.11
N TRP A 126 -26.00 -17.24 17.18
CA TRP A 126 -27.14 -17.78 17.93
C TRP A 126 -26.86 -17.72 19.43
N CYS A 127 -25.58 -17.93 19.79
CA CYS A 127 -25.14 -17.85 21.17
C CYS A 127 -24.47 -16.48 21.40
N PHE A 128 -24.99 -15.67 22.34
CA PHE A 128 -24.40 -14.34 22.48
C PHE A 128 -24.36 -13.89 23.95
N PHE A 129 -23.50 -12.91 24.24
CA PHE A 129 -23.36 -12.47 25.62
C PHE A 129 -24.55 -11.61 26.03
N PRO A 130 -25.10 -11.86 27.24
CA PRO A 130 -26.06 -10.92 27.84
C PRO A 130 -25.23 -9.75 28.37
N PRO A 131 -25.82 -8.59 28.69
CA PRO A 131 -25.03 -7.44 29.11
C PRO A 131 -24.33 -7.65 30.46
N SER A 132 -24.77 -8.66 31.22
CA SER A 132 -24.28 -9.06 32.53
C SER A 132 -23.13 -10.07 32.46
N TYR A 133 -22.71 -10.48 31.25
CA TYR A 133 -21.67 -11.48 31.16
C TYR A 133 -20.41 -10.96 31.86
N PRO A 134 -19.73 -11.78 32.70
CA PRO A 134 -18.53 -11.32 33.40
C PRO A 134 -17.44 -10.79 32.45
N SER A 135 -16.99 -9.56 32.73
CA SER A 135 -15.86 -8.95 32.04
C SER A 135 -14.74 -8.68 33.06
N TYR A 136 -13.91 -7.65 32.83
CA TYR A 136 -13.02 -7.12 33.85
C TYR A 136 -13.70 -5.94 34.54
N LYS A 137 -13.22 -5.66 35.75
CA LYS A 137 -13.65 -4.51 36.55
C LYS A 137 -12.47 -3.56 36.66
N LEU A 138 -12.71 -2.29 36.37
CA LEU A 138 -11.69 -1.26 36.60
C LEU A 138 -11.50 -1.06 38.10
N GLU A 139 -10.25 -0.98 38.57
CA GLU A 139 -9.98 -0.61 39.95
C GLU A 139 -8.72 0.24 40.04
N ASN A 140 -8.66 1.10 41.08
CA ASN A 140 -7.50 1.94 41.38
C ASN A 140 -7.09 2.84 40.20
N LEU A 141 -8.08 3.38 39.47
CA LEU A 141 -7.80 4.31 38.38
C LEU A 141 -7.00 5.46 38.96
N SER A 142 -5.91 5.82 38.29
CA SER A 142 -5.02 6.85 38.81
C SER A 142 -4.61 7.76 37.67
N SER A 143 -4.33 9.02 38.02
CA SER A 143 -3.86 10.02 37.08
C SER A 143 -2.34 10.11 37.12
N SER A 144 -1.72 10.42 35.98
CA SER A 144 -0.31 10.78 35.85
C SER A 144 -0.21 11.99 34.93
N GLU A 145 1.01 12.49 34.69
CA GLU A 145 1.22 13.55 33.70
C GLU A 145 0.92 13.06 32.28
N MET A 146 1.25 11.79 31.99
CA MET A 146 1.05 11.25 30.66
C MET A 146 -0.43 10.94 30.41
N GLY A 147 -1.12 10.42 31.43
CA GLY A 147 -2.52 10.07 31.28
C GLY A 147 -3.02 9.33 32.50
N TYR A 148 -3.30 8.03 32.35
CA TYR A 148 -3.92 7.26 33.41
C TYR A 148 -3.34 5.86 33.47
N THR A 149 -3.44 5.25 34.65
CA THR A 149 -3.17 3.84 34.86
C THR A 149 -4.29 3.26 35.70
N ALA A 150 -4.51 1.95 35.54
CA ALA A 150 -5.52 1.25 36.34
C ALA A 150 -5.21 -0.24 36.29
N THR A 151 -5.79 -0.97 37.25
CA THR A 151 -5.76 -2.41 37.36
C THR A 151 -7.11 -2.88 36.84
N LEU A 152 -7.11 -3.92 36.00
CA LEU A 152 -8.33 -4.58 35.57
C LEU A 152 -8.36 -5.98 36.17
N THR A 153 -9.52 -6.35 36.75
CA THR A 153 -9.64 -7.65 37.42
C THR A 153 -10.82 -8.42 36.84
N ARG A 154 -10.55 -9.67 36.44
CA ARG A 154 -11.62 -10.61 36.12
C ARG A 154 -11.77 -11.59 37.29
N THR A 155 -13.01 -11.77 37.75
CA THR A 155 -13.28 -12.68 38.85
C THR A 155 -13.85 -14.00 38.34
N THR A 156 -14.45 -14.03 37.13
CA THR A 156 -14.99 -15.29 36.62
C THR A 156 -14.28 -15.70 35.32
N PRO A 157 -13.75 -16.94 35.22
CA PRO A 157 -13.05 -17.38 34.01
C PRO A 157 -13.97 -17.42 32.79
N THR A 158 -13.38 -17.21 31.61
CA THR A 158 -14.09 -17.42 30.36
C THR A 158 -13.99 -18.90 30.03
N PHE A 159 -14.46 -19.27 28.82
CA PHE A 159 -14.36 -20.63 28.31
C PHE A 159 -13.03 -20.88 27.62
N PHE A 160 -12.13 -19.88 27.56
CA PHE A 160 -10.80 -20.16 27.01
C PHE A 160 -9.85 -20.55 28.15
N PRO A 161 -8.80 -21.36 27.89
CA PRO A 161 -7.80 -21.63 28.91
C PRO A 161 -6.88 -20.42 29.07
N LYS A 162 -6.26 -20.36 30.24
CA LYS A 162 -5.19 -19.44 30.63
C LYS A 162 -5.63 -17.98 30.59
N ASP A 163 -6.80 -17.66 31.17
CA ASP A 163 -7.19 -16.28 31.38
C ASP A 163 -6.14 -15.58 32.24
N ILE A 164 -5.80 -14.35 31.87
CA ILE A 164 -5.00 -13.53 32.75
C ILE A 164 -5.94 -12.64 33.55
N LEU A 165 -6.08 -12.95 34.84
CA LEU A 165 -7.12 -12.40 35.71
C LEU A 165 -6.78 -10.95 36.15
N THR A 166 -5.49 -10.60 36.22
CA THR A 166 -5.11 -9.24 36.60
C THR A 166 -4.34 -8.58 35.44
N LEU A 167 -4.85 -7.44 34.96
CA LEU A 167 -4.20 -6.74 33.86
C LEU A 167 -3.84 -5.34 34.33
N ARG A 168 -2.91 -4.68 33.61
CA ARG A 168 -2.63 -3.27 33.80
C ARG A 168 -3.07 -2.48 32.57
N LEU A 169 -3.77 -1.35 32.82
CA LEU A 169 -4.16 -0.38 31.82
C LEU A 169 -3.23 0.84 31.87
N ASP A 170 -2.70 1.27 30.71
CA ASP A 170 -1.96 2.52 30.63
C ASP A 170 -2.54 3.35 29.48
N VAL A 171 -2.98 4.58 29.80
CA VAL A 171 -3.53 5.48 28.82
C VAL A 171 -2.55 6.65 28.72
N MET A 172 -2.08 6.89 27.48
CA MET A 172 -1.13 7.97 27.21
CA MET A 172 -1.12 7.95 27.19
C MET A 172 -1.74 8.90 26.17
N MET A 173 -1.91 10.16 26.60
CA MET A 173 -2.42 11.23 25.78
C MET A 173 -1.24 11.93 25.13
N GLU A 174 -0.86 11.42 23.96
CA GLU A 174 0.48 11.64 23.45
C GLU A 174 0.56 12.97 22.71
N THR A 175 -0.42 13.24 21.83
CA THR A 175 -0.58 14.53 21.17
C THR A 175 -2.05 14.91 21.17
N GLU A 176 -2.35 16.14 20.71
CA GLU A 176 -3.73 16.59 20.53
C GLU A 176 -4.45 15.67 19.55
N ASN A 177 -3.70 14.90 18.74
CA ASN A 177 -4.34 14.17 17.65
C ASN A 177 -4.35 12.67 17.95
N ARG A 178 -3.48 12.23 18.88
CA ARG A 178 -3.13 10.82 19.05
C ARG A 178 -3.32 10.36 20.50
N LEU A 179 -4.24 9.42 20.70
CA LEU A 179 -4.45 8.77 21.99
C LEU A 179 -3.88 7.35 21.91
N HIS A 180 -3.29 6.87 23.01
CA HIS A 180 -2.62 5.58 23.00
C HIS A 180 -2.89 4.85 24.31
N PHE A 181 -3.37 3.60 24.23
CA PHE A 181 -3.48 2.85 25.47
C PHE A 181 -3.02 1.41 25.28
N THR A 182 -2.49 0.85 26.36
CA THR A 182 -2.09 -0.55 26.35
C THR A 182 -2.79 -1.29 27.49
N ILE A 183 -2.99 -2.59 27.28
CA ILE A 183 -3.44 -3.51 28.32
C ILE A 183 -2.47 -4.69 28.31
N LYS A 184 -1.83 -4.96 29.45
CA LYS A 184 -0.77 -5.97 29.50
C LYS A 184 -0.87 -6.76 30.80
N ASP A 185 -0.07 -7.84 30.88
CA ASP A 185 0.03 -8.62 32.10
C ASP A 185 1.11 -7.95 32.95
N PRO A 186 0.80 -7.38 34.14
CA PRO A 186 1.84 -6.75 34.94
C PRO A 186 2.90 -7.69 35.53
N ALA A 187 2.67 -9.01 35.46
CA ALA A 187 3.48 -9.99 36.17
C ALA A 187 4.36 -10.75 35.19
N ASN A 188 4.14 -10.51 33.89
CA ASN A 188 4.83 -11.28 32.87
C ASN A 188 5.04 -10.39 31.64
N ARG A 189 6.28 -10.30 31.17
CA ARG A 189 6.53 -9.62 29.91
C ARG A 189 5.95 -10.50 28.80
N ARG A 190 4.98 -9.99 28.03
CA ARG A 190 4.42 -10.74 26.90
C ARG A 190 5.03 -10.21 25.60
N TYR A 191 4.94 -11.00 24.53
CA TYR A 191 5.40 -10.58 23.21
C TYR A 191 4.76 -9.26 22.78
N GLU A 192 5.61 -8.38 22.22
CA GLU A 192 5.24 -7.08 21.72
C GLU A 192 5.95 -6.85 20.40
N VAL A 193 5.26 -6.19 19.44
CA VAL A 193 5.83 -5.96 18.13
C VAL A 193 7.02 -5.01 18.30
N PRO A 194 8.21 -5.39 17.79
CA PRO A 194 9.35 -4.46 17.71
C PRO A 194 9.01 -3.33 16.73
N LEU A 195 8.64 -2.16 17.29
CA LEU A 195 8.31 -0.96 16.52
C LEU A 195 9.39 0.11 16.77
N ALA A 204 -7.49 26.97 20.34
CA ALA A 204 -7.60 26.68 21.80
C ALA A 204 -6.86 25.37 22.13
N PRO A 205 -6.04 25.33 23.20
CA PRO A 205 -5.21 24.15 23.44
C PRO A 205 -6.02 23.13 24.22
N SER A 206 -6.23 21.96 23.59
CA SER A 206 -6.92 20.80 24.14
C SER A 206 -6.87 19.71 23.07
N PRO A 207 -6.86 18.40 23.44
CA PRO A 207 -6.85 17.34 22.43
C PRO A 207 -8.16 17.35 21.65
N LEU A 208 -8.17 16.71 20.49
CA LEU A 208 -9.42 16.57 19.75
C LEU A 208 -10.33 15.53 20.41
N TYR A 209 -9.81 14.75 21.37
CA TYR A 209 -10.57 13.64 21.97
C TYR A 209 -10.77 13.97 23.45
N SER A 210 -11.75 13.31 24.08
CA SER A 210 -11.75 13.10 25.51
C SER A 210 -11.94 11.60 25.78
N VAL A 211 -11.56 11.15 26.97
CA VAL A 211 -11.64 9.74 27.32
C VAL A 211 -12.31 9.63 28.69
N GLU A 212 -13.11 8.57 28.86
CA GLU A 212 -13.80 8.27 30.10
C GLU A 212 -13.80 6.76 30.23
N PHE A 213 -14.22 6.25 31.41
CA PHE A 213 -14.09 4.83 31.62
C PHE A 213 -15.38 4.28 32.20
N SER A 214 -15.75 3.10 31.71
CA SER A 214 -16.77 2.33 32.38
C SER A 214 -16.12 1.44 33.43
N GLU A 215 -16.74 1.35 34.62
CA GLU A 215 -16.08 0.68 35.74
C GLU A 215 -16.33 -0.83 35.68
N GLU A 216 -17.59 -1.22 35.44
CA GLU A 216 -17.98 -2.62 35.49
C GLU A 216 -19.29 -2.79 34.72
N PRO A 217 -19.27 -3.38 33.50
CA PRO A 217 -18.04 -3.91 32.94
C PRO A 217 -17.11 -2.82 32.40
N PHE A 218 -15.81 -3.11 32.43
CA PHE A 218 -14.78 -2.18 31.99
C PHE A 218 -14.95 -1.86 30.50
N GLY A 219 -14.75 -0.58 30.17
CA GLY A 219 -14.64 -0.11 28.80
C GLY A 219 -13.95 1.25 28.78
N VAL A 220 -13.28 1.51 27.63
CA VAL A 220 -12.73 2.81 27.26
C VAL A 220 -13.71 3.47 26.31
N ILE A 221 -14.02 4.74 26.61
CA ILE A 221 -14.97 5.51 25.81
C ILE A 221 -14.21 6.74 25.29
N VAL A 222 -14.15 6.92 23.96
CA VAL A 222 -13.46 8.08 23.42
C VAL A 222 -14.47 8.87 22.59
N HIS A 223 -14.67 10.13 22.98
CA HIS A 223 -15.46 11.12 22.23
C HIS A 223 -14.56 12.03 21.40
N ARG A 224 -15.05 12.44 20.23
CA ARG A 224 -14.56 13.66 19.59
C ARG A 224 -15.12 14.84 20.39
N GLN A 225 -14.24 15.68 20.97
CA GLN A 225 -14.67 16.83 21.76
C GLN A 225 -15.56 17.82 20.98
N LEU A 226 -15.27 18.10 19.70
CA LEU A 226 -15.96 19.14 18.97
C LEU A 226 -17.46 18.86 18.84
N ASP A 227 -17.86 17.62 18.50
CA ASP A 227 -19.28 17.39 18.30
C ASP A 227 -19.81 16.35 19.29
N GLY A 228 -18.98 15.89 20.23
CA GLY A 228 -19.50 14.97 21.23
C GLY A 228 -19.70 13.54 20.75
N ARG A 229 -19.24 13.22 19.52
CA ARG A 229 -19.51 11.92 18.92
C ARG A 229 -18.63 10.84 19.54
N VAL A 230 -19.26 9.68 19.77
CA VAL A 230 -18.63 8.48 20.30
C VAL A 230 -17.90 7.73 19.17
N LEU A 231 -16.57 7.61 19.31
CA LEU A 231 -15.69 7.02 18.32
C LEU A 231 -15.33 5.60 18.73
N LEU A 232 -14.84 5.45 19.96
CA LEU A 232 -14.57 4.15 20.58
C LEU A 232 -15.48 3.99 21.79
N ASN A 233 -16.06 2.78 21.95
CA ASN A 233 -16.74 2.37 23.19
C ASN A 233 -16.53 0.86 23.40
N THR A 234 -15.56 0.49 24.23
CA THR A 234 -15.21 -0.92 24.30
C THR A 234 -16.09 -1.63 25.33
N THR A 235 -17.04 -0.88 25.95
CA THR A 235 -17.95 -1.41 26.95
C THR A 235 -18.95 -2.37 26.29
N VAL A 236 -19.03 -2.36 24.95
CA VAL A 236 -20.16 -2.96 24.24
C VAL A 236 -20.11 -4.48 24.31
N ALA A 237 -18.94 -5.05 24.63
CA ALA A 237 -18.77 -6.49 24.75
C ALA A 237 -17.72 -6.76 25.83
N PRO A 238 -17.60 -8.00 26.35
CA PRO A 238 -16.65 -8.27 27.44
C PRO A 238 -15.22 -8.17 26.91
N LEU A 239 -14.26 -7.88 27.81
CA LEU A 239 -12.86 -7.95 27.43
C LEU A 239 -12.43 -9.39 27.70
N PHE A 240 -11.86 -10.05 26.70
CA PHE A 240 -11.19 -11.31 26.95
C PHE A 240 -9.69 -11.07 26.85
N PHE A 241 -8.97 -11.66 27.79
CA PHE A 241 -7.53 -11.54 27.75
C PHE A 241 -6.93 -12.83 28.28
N ALA A 242 -6.71 -13.79 27.38
CA ALA A 242 -6.13 -15.07 27.76
C ALA A 242 -4.81 -15.25 27.03
N ASP A 243 -3.99 -16.19 27.51
CA ASP A 243 -2.65 -16.35 26.99
C ASP A 243 -2.66 -16.29 25.46
N GLN A 244 -3.57 -17.04 24.81
CA GLN A 244 -3.65 -17.16 23.36
C GLN A 244 -5.01 -16.69 22.83
N PHE A 245 -5.66 -15.71 23.49
CA PHE A 245 -6.90 -15.17 22.95
C PHE A 245 -7.20 -13.81 23.55
N LEU A 246 -7.11 -12.77 22.72
CA LEU A 246 -7.51 -11.41 23.12
C LEU A 246 -8.74 -11.01 22.32
N GLN A 247 -9.75 -10.45 23.00
CA GLN A 247 -10.84 -9.85 22.27
C GLN A 247 -11.17 -8.50 22.89
N LEU A 248 -11.23 -7.48 22.04
CA LEU A 248 -11.66 -6.15 22.43
C LEU A 248 -12.61 -5.68 21.33
N SER A 249 -13.77 -5.13 21.73
CA SER A 249 -14.79 -4.72 20.77
C SER A 249 -15.06 -3.22 20.95
N THR A 250 -15.71 -2.62 19.95
CA THR A 250 -16.16 -1.24 20.00
C THR A 250 -17.36 -1.08 19.09
N SER A 251 -18.22 -0.10 19.43
CA SER A 251 -19.15 0.46 18.46
C SER A 251 -18.33 1.22 17.42
N LEU A 252 -18.90 1.32 16.20
CA LEU A 252 -18.34 2.11 15.12
C LEU A 252 -19.27 3.30 14.92
N PRO A 253 -18.78 4.47 14.49
CA PRO A 253 -19.66 5.65 14.40
C PRO A 253 -20.54 5.69 13.15
N SER A 254 -20.26 4.80 12.18
CA SER A 254 -21.04 4.72 10.95
C SER A 254 -20.82 3.37 10.28
N GLN A 255 -21.55 3.13 9.19
CA GLN A 255 -21.45 1.91 8.42
C GLN A 255 -20.24 1.93 7.49
N TYR A 256 -19.40 2.98 7.58
CA TYR A 256 -18.34 3.21 6.61
C TYR A 256 -16.96 3.06 7.24
N ILE A 257 -16.27 1.98 6.86
CA ILE A 257 -14.97 1.61 7.42
C ILE A 257 -14.11 0.99 6.31
N THR A 258 -12.84 1.38 6.31
CA THR A 258 -11.88 0.84 5.36
C THR A 258 -10.56 0.55 6.09
N GLY A 259 -9.78 -0.39 5.54
CA GLY A 259 -8.50 -0.83 6.11
C GLY A 259 -8.43 -2.37 6.18
N LEU A 260 -7.64 -2.89 7.12
CA LEU A 260 -7.58 -4.31 7.41
C LEU A 260 -7.11 -5.14 6.21
N ALA A 261 -6.08 -4.67 5.46
CA ALA A 261 -5.43 -5.46 4.42
C ALA A 261 -4.77 -6.72 4.98
N GLU A 262 -4.51 -7.74 4.13
CA GLU A 262 -4.72 -7.70 2.68
C GLU A 262 -5.82 -8.69 2.26
N HIS A 263 -6.86 -8.14 1.61
CA HIS A 263 -8.03 -8.89 1.17
C HIS A 263 -8.54 -8.28 -0.13
N LEU A 264 -9.14 -9.13 -0.98
CA LEU A 264 -9.76 -8.62 -2.19
C LEU A 264 -11.19 -8.24 -1.84
N SER A 265 -11.41 -6.93 -1.68
CA SER A 265 -12.72 -6.49 -1.23
C SER A 265 -12.97 -5.08 -1.75
N PRO A 266 -14.20 -4.54 -1.68
CA PRO A 266 -14.43 -3.11 -1.93
C PRO A 266 -13.60 -2.27 -0.96
N LEU A 267 -13.27 -1.03 -1.33
CA LEU A 267 -12.53 -0.16 -0.43
C LEU A 267 -13.29 -0.04 0.90
N MET A 268 -14.62 0.14 0.82
CA MET A 268 -15.43 0.16 2.04
C MET A 268 -15.84 -1.26 2.39
N LEU A 269 -15.47 -1.70 3.60
CA LEU A 269 -15.69 -3.08 4.03
C LEU A 269 -17.15 -3.26 4.41
N SER A 270 -17.64 -4.48 4.18
CA SER A 270 -19.00 -4.85 4.53
C SER A 270 -19.14 -5.05 6.04
N THR A 271 -20.16 -4.42 6.65
CA THR A 271 -20.36 -4.70 8.07
C THR A 271 -21.40 -5.80 8.34
N SER A 272 -21.79 -6.60 7.34
CA SER A 272 -22.80 -7.64 7.56
C SER A 272 -22.16 -8.94 8.05
N TRP A 273 -21.77 -9.00 9.33
CA TRP A 273 -21.21 -10.21 9.92
C TRP A 273 -20.03 -10.69 9.06
N THR A 274 -19.05 -9.82 8.85
CA THR A 274 -17.89 -10.12 8.02
C THR A 274 -16.70 -10.45 8.92
N ARG A 275 -16.01 -11.55 8.63
CA ARG A 275 -14.83 -11.97 9.37
C ARG A 275 -13.57 -11.74 8.53
N ILE A 276 -12.68 -10.85 9.00
CA ILE A 276 -11.49 -10.48 8.22
C ILE A 276 -10.26 -11.05 8.90
N THR A 277 -9.53 -11.93 8.19
CA THR A 277 -8.45 -12.73 8.77
C THR A 277 -7.10 -12.18 8.31
N LEU A 278 -6.24 -11.86 9.29
CA LEU A 278 -4.89 -11.36 9.06
C LEU A 278 -3.93 -12.48 9.45
N TRP A 279 -3.45 -13.21 8.43
CA TRP A 279 -2.41 -14.23 8.57
C TRP A 279 -1.78 -14.40 7.20
N ASN A 280 -0.54 -13.93 7.08
CA ASN A 280 0.12 -13.80 5.78
C ASN A 280 0.18 -15.19 5.15
N ARG A 281 -0.32 -15.26 3.91
CA ARG A 281 -0.62 -16.52 3.27
C ARG A 281 -0.39 -16.34 1.77
N ASP A 282 0.38 -17.27 1.15
CA ASP A 282 0.53 -17.37 -0.29
C ASP A 282 -0.74 -17.98 -0.88
N LEU A 283 -1.52 -17.18 -1.63
CA LEU A 283 -2.74 -17.62 -2.31
C LEU A 283 -3.12 -16.60 -3.36
N ALA A 284 -3.61 -17.06 -4.52
CA ALA A 284 -4.02 -16.15 -5.58
C ALA A 284 -5.17 -15.26 -5.08
N PRO A 285 -5.12 -13.93 -5.23
CA PRO A 285 -6.16 -13.08 -4.66
C PRO A 285 -7.60 -13.49 -5.00
N THR A 286 -8.41 -13.68 -3.95
CA THR A 286 -9.80 -14.09 -4.07
C THR A 286 -10.55 -13.48 -2.88
N PRO A 287 -11.88 -13.16 -2.99
CA PRO A 287 -12.65 -12.63 -1.84
C PRO A 287 -12.75 -13.61 -0.68
N GLY A 288 -12.74 -13.10 0.55
CA GLY A 288 -12.94 -13.98 1.70
C GLY A 288 -11.69 -14.67 2.24
N ALA A 289 -10.50 -14.50 1.63
CA ALA A 289 -9.32 -15.24 2.07
C ALA A 289 -8.28 -14.30 2.72
N ASN A 290 -7.55 -14.78 3.73
CA ASN A 290 -6.34 -14.09 4.18
C ASN A 290 -5.30 -14.11 3.06
N LEU A 291 -4.80 -12.94 2.64
CA LEU A 291 -3.82 -12.97 1.55
C LEU A 291 -2.41 -12.68 2.09
N TYR A 292 -1.54 -12.08 1.26
CA TYR A 292 -0.10 -11.99 1.49
C TYR A 292 0.29 -11.08 2.67
N GLY A 293 -0.54 -10.08 3.02
CA GLY A 293 -0.10 -9.16 4.07
C GLY A 293 -1.15 -8.94 5.16
N SER A 294 -0.79 -8.19 6.21
CA SER A 294 -1.66 -7.93 7.34
C SER A 294 -1.48 -6.50 7.81
N HIS A 295 -2.51 -5.66 7.74
CA HIS A 295 -2.39 -4.32 8.28
C HIS A 295 -3.53 -4.03 9.26
N PRO A 296 -3.30 -4.22 10.58
CA PRO A 296 -4.37 -4.07 11.59
C PRO A 296 -4.70 -2.60 11.91
N PHE A 297 -5.25 -1.95 10.89
CA PHE A 297 -5.57 -0.55 10.95
C PHE A 297 -6.88 -0.33 10.18
N TYR A 298 -7.79 0.43 10.77
CA TYR A 298 -8.95 0.90 10.04
C TYR A 298 -9.07 2.40 10.21
N LEU A 299 -9.70 3.03 9.21
CA LEU A 299 -10.19 4.40 9.20
C LEU A 299 -11.71 4.36 9.10
N ALA A 300 -12.36 5.16 9.95
CA ALA A 300 -13.82 5.12 10.01
C ALA A 300 -14.36 6.53 9.75
N LEU A 301 -15.35 6.62 8.84
CA LEU A 301 -15.96 7.90 8.54
C LEU A 301 -17.10 8.16 9.51
N GLU A 302 -17.32 9.44 9.81
CA GLU A 302 -18.42 9.88 10.64
C GLU A 302 -19.31 10.81 9.81
N ASP A 303 -20.62 10.80 10.09
CA ASP A 303 -21.61 11.69 9.48
C ASP A 303 -21.05 13.11 9.44
N GLY A 304 -21.01 13.70 8.25
CA GLY A 304 -20.53 15.07 8.17
C GLY A 304 -19.13 15.18 7.58
N GLY A 305 -18.38 14.08 7.60
CA GLY A 305 -17.18 13.96 6.78
C GLY A 305 -15.86 14.00 7.54
N SER A 306 -15.93 14.08 8.86
CA SER A 306 -14.79 13.83 9.72
C SER A 306 -14.56 12.33 9.77
N ALA A 307 -13.43 11.92 10.36
CA ALA A 307 -13.02 10.51 10.39
C ALA A 307 -12.02 10.33 11.51
N HIS A 308 -11.88 9.09 12.00
CA HIS A 308 -10.77 8.73 12.89
C HIS A 308 -10.18 7.39 12.45
N GLY A 309 -9.01 7.06 13.00
CA GLY A 309 -8.37 5.78 12.71
C GLY A 309 -7.94 5.07 14.00
N VAL A 310 -7.89 3.74 13.93
CA VAL A 310 -7.48 2.93 15.07
C VAL A 310 -6.45 1.93 14.54
N PHE A 311 -5.30 1.86 15.20
CA PHE A 311 -4.26 0.88 14.92
C PHE A 311 -4.16 -0.05 16.12
N LEU A 312 -4.21 -1.37 15.89
CA LEU A 312 -3.90 -2.29 16.96
C LEU A 312 -2.50 -2.84 16.68
N LEU A 313 -1.50 -2.51 17.53
CA LEU A 313 -0.15 -2.94 17.16
C LEU A 313 0.05 -4.38 17.69
N ASN A 314 -0.27 -5.34 16.82
CA ASN A 314 -0.35 -6.74 17.21
C ASN A 314 -0.06 -7.56 15.95
N SER A 315 0.91 -8.48 16.00
CA SER A 315 1.27 -9.19 14.78
C SER A 315 0.85 -10.66 14.81
N ASN A 316 -0.02 -11.02 15.77
CA ASN A 316 -0.47 -12.40 15.89
C ASN A 316 -1.52 -12.62 14.80
N ALA A 317 -1.72 -13.87 14.39
CA ALA A 317 -2.91 -14.25 13.64
C ALA A 317 -4.14 -13.65 14.31
N MET A 318 -5.07 -13.07 13.52
CA MET A 318 -6.27 -12.52 14.14
C MET A 318 -7.48 -12.48 13.19
N ASP A 319 -8.68 -12.47 13.78
CA ASP A 319 -9.89 -12.18 13.05
C ASP A 319 -10.34 -10.79 13.49
N VAL A 320 -10.85 -10.02 12.53
CA VAL A 320 -11.57 -8.80 12.84
C VAL A 320 -12.99 -9.00 12.31
N VAL A 321 -13.98 -8.89 13.21
CA VAL A 321 -15.36 -9.27 12.91
C VAL A 321 -16.23 -8.02 12.97
N LEU A 322 -16.86 -7.66 11.86
CA LEU A 322 -17.65 -6.45 11.79
C LEU A 322 -19.13 -6.85 11.83
N GLN A 323 -19.97 -6.13 12.61
CA GLN A 323 -21.40 -6.42 12.63
C GLN A 323 -22.23 -5.17 12.33
N PRO A 324 -23.53 -5.32 11.92
CA PRO A 324 -24.32 -4.20 11.40
C PRO A 324 -24.81 -3.11 12.34
N SER A 325 -24.58 -3.27 13.65
CA SER A 325 -25.12 -2.36 14.66
C SER A 325 -24.84 -0.88 14.44
N PRO A 326 -23.65 -0.37 14.01
CA PRO A 326 -22.47 -1.17 13.64
C PRO A 326 -21.40 -1.28 14.72
N ALA A 327 -20.57 -2.33 14.64
CA ALA A 327 -19.56 -2.61 15.66
C ALA A 327 -18.44 -3.49 15.10
N LEU A 328 -17.36 -3.62 15.88
CA LEU A 328 -16.18 -4.35 15.44
C LEU A 328 -15.51 -4.98 16.67
N SER A 329 -14.98 -6.18 16.48
CA SER A 329 -14.26 -6.94 17.52
C SER A 329 -12.89 -7.36 16.99
N TRP A 330 -11.83 -7.01 17.72
CA TRP A 330 -10.52 -7.55 17.40
C TRP A 330 -10.41 -8.89 18.12
N ARG A 331 -9.99 -9.97 17.44
CA ARG A 331 -9.67 -11.18 18.16
C ARG A 331 -8.27 -11.63 17.76
N SER A 332 -7.30 -11.47 18.66
CA SER A 332 -5.93 -11.91 18.39
C SER A 332 -5.59 -13.20 19.14
N THR A 333 -4.60 -13.96 18.67
CA THR A 333 -4.23 -15.23 19.26
C THR A 333 -2.99 -15.08 20.16
N GLY A 334 -2.57 -13.84 20.46
CA GLY A 334 -1.46 -13.65 21.39
C GLY A 334 -1.09 -12.17 21.56
N GLY A 335 0.08 -11.94 22.16
CA GLY A 335 0.59 -10.58 22.33
C GLY A 335 -0.20 -9.79 23.39
N ILE A 336 -0.27 -8.46 23.23
CA ILE A 336 -0.99 -7.56 24.14
C ILE A 336 -1.97 -6.69 23.33
N LEU A 337 -2.85 -5.94 24.01
CA LEU A 337 -3.60 -4.87 23.36
C LEU A 337 -2.81 -3.57 23.43
N ASP A 338 -2.32 -3.13 22.27
CA ASP A 338 -1.61 -1.88 22.08
C ASP A 338 -2.40 -1.07 21.04
N VAL A 339 -3.14 -0.06 21.51
CA VAL A 339 -4.14 0.59 20.66
C VAL A 339 -3.78 2.06 20.48
N TYR A 340 -3.83 2.54 19.23
CA TYR A 340 -3.67 3.97 18.96
C TYR A 340 -4.94 4.48 18.30
N ILE A 341 -5.40 5.67 18.72
CA ILE A 341 -6.56 6.30 18.12
C ILE A 341 -6.10 7.63 17.52
N PHE A 342 -6.39 7.82 16.23
CA PHE A 342 -5.97 9.03 15.52
C PHE A 342 -7.21 9.86 15.19
N LEU A 343 -7.19 11.12 15.62
CA LEU A 343 -8.42 11.89 15.69
C LEU A 343 -8.70 12.71 14.42
N GLY A 344 -7.75 12.75 13.47
CA GLY A 344 -8.07 13.45 12.24
C GLY A 344 -8.10 14.96 12.48
N PRO A 345 -9.21 15.70 12.21
CA PRO A 345 -10.51 15.15 11.79
C PRO A 345 -10.70 14.79 10.32
N GLU A 346 -9.81 15.27 9.43
CA GLU A 346 -9.95 14.99 8.00
C GLU A 346 -9.39 13.61 7.74
N PRO A 347 -10.00 12.81 6.84
CA PRO A 347 -9.42 11.53 6.43
C PRO A 347 -7.93 11.57 6.08
N LYS A 348 -7.46 12.67 5.47
CA LYS A 348 -6.07 12.78 5.05
C LYS A 348 -5.16 12.87 6.26
N SER A 349 -5.59 13.69 7.24
CA SER A 349 -4.85 13.80 8.51
C SER A 349 -4.87 12.49 9.30
N VAL A 350 -5.97 11.71 9.24
CA VAL A 350 -5.96 10.41 9.91
C VAL A 350 -4.82 9.58 9.32
N VAL A 351 -4.72 9.54 7.98
CA VAL A 351 -3.69 8.73 7.35
C VAL A 351 -2.32 9.22 7.83
N GLN A 352 -2.15 10.55 7.85
CA GLN A 352 -0.88 11.18 8.19
C GLN A 352 -0.52 10.86 9.64
N GLN A 353 -1.54 10.87 10.51
CA GLN A 353 -1.30 10.67 11.93
C GLN A 353 -0.91 9.21 12.19
N TYR A 354 -1.50 8.30 11.40
CA TYR A 354 -1.20 6.89 11.40
C TYR A 354 0.24 6.67 10.95
N LEU A 355 0.69 7.43 9.93
CA LEU A 355 2.03 7.22 9.41
C LEU A 355 3.09 7.89 10.32
N ASP A 356 2.69 8.84 11.17
CA ASP A 356 3.59 9.42 12.16
CA ASP A 356 3.64 9.41 12.13
C ASP A 356 4.10 8.33 13.10
N VAL A 357 3.29 7.27 13.30
CA VAL A 357 3.64 6.16 14.16
C VAL A 357 4.39 5.08 13.35
N VAL A 358 3.83 4.66 12.19
CA VAL A 358 4.39 3.49 11.51
C VAL A 358 5.55 3.88 10.59
N GLY A 359 5.65 5.15 10.19
CA GLY A 359 6.70 5.52 9.24
C GLY A 359 6.12 6.15 7.96
N TYR A 360 6.67 7.30 7.59
CA TYR A 360 6.35 7.92 6.31
C TYR A 360 6.95 7.04 5.22
N PRO A 361 6.25 6.90 4.08
CA PRO A 361 6.73 6.09 2.96
C PRO A 361 8.09 6.55 2.47
N PHE A 362 8.83 5.59 1.90
CA PHE A 362 10.18 5.89 1.52
C PHE A 362 10.09 6.61 0.18
N MET A 363 11.18 7.30 -0.17
CA MET A 363 11.21 8.03 -1.42
C MET A 363 11.87 7.14 -2.47
N PRO A 364 11.15 6.72 -3.52
CA PRO A 364 11.75 5.84 -4.52
C PRO A 364 12.71 6.64 -5.40
N PRO A 365 13.59 5.96 -6.16
CA PRO A 365 14.41 6.65 -7.16
C PRO A 365 13.45 6.95 -8.32
N TYR A 366 13.78 7.99 -9.08
CA TYR A 366 12.90 8.49 -10.13
C TYR A 366 12.64 7.37 -11.13
N TRP A 367 13.70 6.63 -11.48
CA TRP A 367 13.63 5.52 -12.41
C TRP A 367 12.59 4.46 -12.01
N GLY A 368 12.35 4.28 -10.70
CA GLY A 368 11.40 3.31 -10.15
C GLY A 368 9.96 3.57 -10.61
N LEU A 369 9.67 4.83 -10.97
CA LEU A 369 8.38 5.30 -11.48
C LEU A 369 8.15 5.06 -12.99
N GLY A 370 9.17 4.67 -13.74
CA GLY A 370 8.95 4.31 -15.12
C GLY A 370 8.31 2.91 -15.25
N PHE A 371 8.23 2.41 -16.49
CA PHE A 371 7.64 1.14 -16.86
C PHE A 371 8.61 0.01 -16.57
N HIS A 372 8.13 -1.02 -15.86
CA HIS A 372 8.83 -2.27 -15.63
C HIS A 372 8.15 -3.36 -16.46
N LEU A 373 8.99 -4.27 -16.98
CA LEU A 373 8.50 -5.37 -17.79
C LEU A 373 9.24 -6.65 -17.43
N CYS A 374 8.43 -7.71 -17.22
CA CYS A 374 8.87 -8.96 -16.65
C CYS A 374 7.94 -10.07 -17.14
N ARG A 375 8.48 -11.29 -17.14
CA ARG A 375 7.66 -12.49 -17.14
C ARG A 375 8.50 -13.62 -16.57
N TRP A 376 7.81 -14.65 -16.10
CA TRP A 376 8.46 -15.94 -16.00
C TRP A 376 8.47 -16.55 -17.39
N GLY A 377 9.67 -16.86 -17.90
CA GLY A 377 9.83 -17.48 -19.21
C GLY A 377 10.84 -16.76 -20.09
N TYR A 378 11.41 -15.63 -19.66
CA TYR A 378 12.53 -15.07 -20.40
C TYR A 378 13.77 -15.90 -20.06
N SER A 379 13.98 -16.99 -20.78
CA SER A 379 14.81 -18.07 -20.30
C SER A 379 16.24 -17.92 -20.79
N SER A 380 16.63 -16.73 -21.27
CA SER A 380 18.02 -16.54 -21.62
C SER A 380 18.34 -15.06 -21.71
N THR A 381 19.65 -14.72 -21.77
CA THR A 381 20.04 -13.34 -21.93
C THR A 381 19.67 -12.84 -23.31
N ALA A 382 19.67 -13.74 -24.30
CA ALA A 382 19.34 -13.37 -25.66
C ALA A 382 17.85 -13.03 -25.73
N ILE A 383 17.01 -13.88 -25.14
CA ILE A 383 15.59 -13.59 -25.12
C ILE A 383 15.32 -12.29 -24.33
N THR A 384 15.99 -12.09 -23.19
CA THR A 384 15.80 -10.89 -22.38
C THR A 384 16.18 -9.62 -23.15
N ARG A 385 17.30 -9.67 -23.89
CA ARG A 385 17.74 -8.54 -24.70
C ARG A 385 16.70 -8.23 -25.79
N GLN A 386 16.09 -9.28 -26.35
CA GLN A 386 15.04 -9.10 -27.35
C GLN A 386 13.84 -8.32 -26.82
N VAL A 387 13.53 -8.42 -25.52
CA VAL A 387 12.37 -7.71 -25.01
C VAL A 387 12.61 -6.21 -25.15
N VAL A 388 13.79 -5.79 -24.67
CA VAL A 388 14.23 -4.41 -24.78
C VAL A 388 14.28 -3.93 -26.24
N GLU A 389 14.82 -4.77 -27.11
CA GLU A 389 14.94 -4.42 -28.52
C GLU A 389 13.55 -4.21 -29.12
N ASN A 390 12.63 -5.16 -28.85
CA ASN A 390 11.27 -5.16 -29.37
C ASN A 390 10.49 -3.95 -28.87
N MET A 391 10.71 -3.56 -27.61
CA MET A 391 10.01 -2.39 -27.06
C MET A 391 10.55 -1.12 -27.74
N THR A 392 11.88 -1.08 -27.91
CA THR A 392 12.54 0.11 -28.44
C THR A 392 12.14 0.32 -29.89
N ARG A 393 12.17 -0.74 -30.69
CA ARG A 393 11.80 -0.57 -32.09
C ARG A 393 10.36 -0.06 -32.23
N ALA A 394 9.48 -0.37 -31.28
CA ALA A 394 8.07 0.00 -31.38
C ALA A 394 7.75 1.27 -30.58
N HIS A 395 8.80 1.96 -30.14
CA HIS A 395 8.71 3.24 -29.44
C HIS A 395 7.96 3.11 -28.11
N PHE A 396 8.13 1.96 -27.41
CA PHE A 396 7.51 1.80 -26.10
C PHE A 396 8.57 2.09 -25.04
N PRO A 397 8.33 3.09 -24.17
CA PRO A 397 9.21 3.38 -23.03
C PRO A 397 9.41 2.16 -22.13
N LEU A 398 10.63 2.00 -21.62
CA LEU A 398 10.93 0.93 -20.69
C LEU A 398 12.14 1.37 -19.86
N ASP A 399 11.94 1.58 -18.54
CA ASP A 399 13.03 1.95 -17.65
C ASP A 399 13.75 0.72 -17.09
N VAL A 400 13.01 -0.36 -16.79
CA VAL A 400 13.56 -1.45 -15.98
C VAL A 400 13.20 -2.78 -16.64
N GLN A 401 14.22 -3.54 -17.02
CA GLN A 401 13.99 -4.93 -17.40
C GLN A 401 14.16 -5.85 -16.18
N TRP A 402 13.31 -6.89 -16.05
CA TRP A 402 13.32 -7.80 -14.92
C TRP A 402 13.57 -9.24 -15.41
N ASN A 403 14.08 -10.10 -14.51
CA ASN A 403 13.97 -11.55 -14.69
C ASN A 403 13.35 -12.21 -13.45
N ASP A 404 12.58 -13.28 -13.67
CA ASP A 404 12.06 -14.16 -12.66
C ASP A 404 13.09 -15.26 -12.45
N LEU A 405 12.65 -16.47 -12.04
CA LEU A 405 13.50 -17.59 -11.66
C LEU A 405 14.51 -17.96 -12.76
N ASP A 406 14.23 -17.53 -14.00
CA ASP A 406 14.95 -17.97 -15.20
C ASP A 406 16.47 -17.86 -15.00
N TYR A 407 16.94 -16.76 -14.39
CA TYR A 407 18.35 -16.43 -14.37
C TYR A 407 19.13 -17.41 -13.49
N MET A 408 18.45 -18.02 -12.50
CA MET A 408 19.12 -18.77 -11.44
C MET A 408 19.75 -20.06 -11.96
N ASP A 409 20.70 -20.57 -11.16
CA ASP A 409 21.22 -21.91 -11.34
C ASP A 409 20.46 -22.87 -10.44
N SER A 410 19.61 -23.73 -11.04
CA SER A 410 18.74 -24.68 -10.36
C SER A 410 17.89 -23.96 -9.33
N ARG A 411 17.39 -22.77 -9.68
CA ARG A 411 16.40 -22.04 -8.90
C ARG A 411 16.93 -21.63 -7.52
N ARG A 412 18.23 -21.30 -7.43
CA ARG A 412 18.85 -20.87 -6.18
C ARG A 412 19.25 -19.39 -6.25
N ASP A 413 18.86 -18.67 -5.18
CA ASP A 413 19.30 -17.31 -4.90
C ASP A 413 20.82 -17.20 -5.06
N PHE A 414 21.28 -16.04 -5.53
CA PHE A 414 22.68 -15.64 -5.51
C PHE A 414 23.56 -16.53 -6.40
N THR A 415 22.96 -17.08 -7.48
CA THR A 415 23.67 -17.77 -8.54
C THR A 415 23.13 -17.33 -9.90
N PHE A 416 23.84 -17.63 -11.00
CA PHE A 416 23.25 -17.59 -12.33
C PHE A 416 23.63 -18.85 -13.13
N ASN A 417 22.69 -19.40 -13.93
CA ASN A 417 23.05 -20.57 -14.70
C ASN A 417 24.06 -20.23 -15.81
N LYS A 418 24.75 -21.25 -16.33
CA LYS A 418 25.78 -21.08 -17.33
C LYS A 418 25.33 -21.61 -18.69
N ASP A 419 24.02 -21.81 -18.88
CA ASP A 419 23.49 -22.03 -20.21
C ASP A 419 22.96 -20.69 -20.74
N GLY A 420 21.67 -20.44 -20.57
CA GLY A 420 21.05 -19.23 -21.08
C GLY A 420 21.58 -17.94 -20.45
N PHE A 421 22.16 -18.01 -19.23
CA PHE A 421 22.55 -16.79 -18.53
C PHE A 421 24.06 -16.66 -18.31
N ARG A 422 24.85 -17.32 -19.16
CA ARG A 422 26.30 -17.36 -19.01
C ARG A 422 26.88 -15.95 -18.95
N ASP A 423 26.25 -15.02 -19.69
CA ASP A 423 26.75 -13.67 -19.84
C ASP A 423 25.82 -12.67 -19.16
N PHE A 424 25.23 -13.10 -18.03
CA PHE A 424 24.35 -12.28 -17.20
C PHE A 424 25.04 -10.95 -16.88
N PRO A 425 26.33 -10.90 -16.42
CA PRO A 425 26.93 -9.63 -16.04
C PRO A 425 26.93 -8.65 -17.21
N ALA A 426 27.18 -9.16 -18.43
CA ALA A 426 27.40 -8.27 -19.57
C ALA A 426 26.07 -7.66 -20.02
N MET A 427 25.00 -8.46 -19.98
CA MET A 427 23.63 -8.03 -20.23
C MET A 427 23.24 -6.88 -19.33
N VAL A 428 23.53 -7.01 -18.03
CA VAL A 428 23.09 -5.98 -17.10
C VAL A 428 23.91 -4.70 -17.29
N GLN A 429 25.24 -4.83 -17.49
CA GLN A 429 26.08 -3.68 -17.82
C GLN A 429 25.59 -2.97 -19.10
N GLU A 430 25.32 -3.79 -20.15
CA GLU A 430 24.74 -3.27 -21.38
C GLU A 430 23.46 -2.49 -21.06
N LEU A 431 22.55 -3.08 -20.29
CA LEU A 431 21.34 -2.35 -19.95
C LEU A 431 21.67 -0.96 -19.43
N HIS A 432 22.64 -0.89 -18.50
CA HIS A 432 23.02 0.36 -17.86
C HIS A 432 23.56 1.34 -18.90
N GLN A 433 24.40 0.82 -19.81
CA GLN A 433 25.00 1.58 -20.91
C GLN A 433 23.91 2.32 -21.68
N GLY A 434 22.77 1.65 -21.92
CA GLY A 434 21.64 2.27 -22.61
C GLY A 434 20.75 3.17 -21.74
N GLY A 435 20.97 3.25 -20.41
CA GLY A 435 20.23 4.19 -19.59
C GLY A 435 19.01 3.54 -18.90
N ARG A 436 19.02 2.21 -18.75
CA ARG A 436 17.98 1.47 -18.04
C ARG A 436 18.53 0.77 -16.79
N ARG A 437 17.60 0.20 -16.01
CA ARG A 437 17.93 -0.48 -14.77
C ARG A 437 17.49 -1.94 -14.88
N TYR A 438 17.96 -2.74 -13.92
CA TYR A 438 17.72 -4.17 -13.88
C TYR A 438 17.17 -4.60 -12.51
N MET A 439 16.12 -5.41 -12.54
CA MET A 439 15.52 -6.00 -11.35
C MET A 439 15.47 -7.52 -11.50
N MET A 440 15.64 -8.26 -10.40
CA MET A 440 15.44 -9.71 -10.48
C MET A 440 14.82 -10.27 -9.21
N ILE A 441 14.22 -11.46 -9.30
CA ILE A 441 13.50 -12.06 -8.19
C ILE A 441 14.51 -12.62 -7.20
N VAL A 442 14.22 -12.43 -5.91
CA VAL A 442 14.97 -13.10 -4.85
C VAL A 442 13.95 -13.80 -3.93
N ASP A 443 14.17 -15.08 -3.63
CA ASP A 443 13.28 -15.78 -2.70
C ASP A 443 13.92 -15.81 -1.31
N PRO A 444 13.16 -16.02 -0.22
CA PRO A 444 13.79 -16.05 1.10
C PRO A 444 14.52 -17.36 1.42
N ALA A 445 14.00 -18.48 0.93
CA ALA A 445 14.42 -19.79 1.42
C ALA A 445 15.69 -20.16 0.67
N ILE A 446 16.62 -20.81 1.40
CA ILE A 446 17.95 -21.13 0.89
C ILE A 446 18.14 -22.64 0.76
N SER A 447 18.52 -23.09 -0.45
CA SER A 447 18.73 -24.51 -0.73
C SER A 447 19.68 -25.15 0.28
N SER A 448 19.23 -26.23 0.92
CA SER A 448 19.97 -26.83 2.03
C SER A 448 20.51 -28.23 1.69
N SER A 449 20.30 -28.67 0.44
CA SER A 449 20.54 -30.05 0.08
C SER A 449 21.85 -30.22 -0.71
N GLY A 450 22.54 -29.10 -1.01
CA GLY A 450 23.71 -29.16 -1.87
C GLY A 450 24.88 -29.84 -1.17
N PRO A 451 25.92 -30.36 -1.86
CA PRO A 451 27.09 -30.87 -1.16
C PRO A 451 27.73 -29.76 -0.32
N ALA A 452 28.13 -30.12 0.89
CA ALA A 452 28.78 -29.18 1.78
C ALA A 452 29.97 -28.49 1.10
N GLY A 453 30.11 -27.18 1.31
CA GLY A 453 31.23 -26.48 0.71
C GLY A 453 30.92 -25.93 -0.69
N SER A 454 29.82 -26.37 -1.32
CA SER A 454 29.55 -26.03 -2.71
C SER A 454 28.53 -24.91 -2.92
N TYR A 455 27.93 -24.32 -1.87
CA TYR A 455 26.89 -23.31 -2.06
C TYR A 455 26.93 -22.34 -0.89
N ARG A 456 27.60 -21.20 -1.12
CA ARG A 456 28.04 -20.29 -0.05
C ARG A 456 26.86 -19.81 0.79
N PRO A 457 25.74 -19.35 0.20
CA PRO A 457 24.65 -18.83 1.03
C PRO A 457 24.19 -19.80 2.11
N TYR A 458 24.04 -21.09 1.78
CA TYR A 458 23.64 -22.05 2.79
C TYR A 458 24.78 -22.25 3.78
N ASP A 459 26.00 -22.48 3.24
CA ASP A 459 27.16 -22.90 4.02
C ASP A 459 27.52 -21.85 5.07
N GLU A 460 27.51 -20.56 4.69
CA GLU A 460 27.75 -19.46 5.59
C GLU A 460 26.55 -19.30 6.52
N GLY A 461 25.34 -19.48 5.96
CA GLY A 461 24.10 -19.43 6.72
C GLY A 461 24.21 -20.35 7.93
N LEU A 462 24.71 -21.57 7.66
CA LEU A 462 24.90 -22.59 8.70
C LEU A 462 25.89 -22.10 9.74
N ARG A 463 27.05 -21.64 9.24
CA ARG A 463 28.13 -21.26 10.13
C ARG A 463 27.66 -20.15 11.08
N ARG A 464 26.78 -19.26 10.60
CA ARG A 464 26.51 -18.03 11.35
C ARG A 464 25.22 -18.16 12.15
N GLY A 465 24.50 -19.29 11.98
CA GLY A 465 23.25 -19.58 12.68
C GLY A 465 22.12 -18.63 12.27
N VAL A 466 22.00 -18.37 10.96
CA VAL A 466 21.04 -17.40 10.44
C VAL A 466 19.63 -17.97 10.25
N PHE A 467 19.42 -19.27 10.45
CA PHE A 467 18.18 -19.87 9.98
C PHE A 467 17.20 -20.10 11.11
N ILE A 468 15.89 -20.06 10.80
CA ILE A 468 14.85 -20.45 11.74
C ILE A 468 15.10 -21.91 12.14
N THR A 469 15.01 -22.23 13.44
CA THR A 469 15.31 -23.58 13.87
C THR A 469 14.10 -24.26 14.51
N ASN A 470 14.21 -25.59 14.68
CA ASN A 470 13.13 -26.40 15.22
C ASN A 470 13.46 -26.77 16.66
N GLU A 471 12.72 -27.76 17.20
CA GLU A 471 12.75 -28.18 18.58
C GLU A 471 14.18 -28.54 18.98
N THR A 472 14.90 -29.24 18.09
CA THR A 472 16.20 -29.76 18.47
C THR A 472 17.32 -28.76 18.16
N GLY A 473 16.96 -27.57 17.66
CA GLY A 473 17.93 -26.51 17.43
C GLY A 473 18.53 -26.55 16.02
N GLN A 474 18.04 -27.47 15.20
CA GLN A 474 18.53 -27.64 13.84
C GLN A 474 17.67 -26.77 12.92
N PRO A 475 18.17 -26.41 11.72
CA PRO A 475 17.38 -25.65 10.75
C PRO A 475 16.09 -26.39 10.40
N LEU A 476 14.97 -25.67 10.48
CA LEU A 476 13.71 -26.15 9.93
C LEU A 476 13.84 -26.20 8.40
N ILE A 477 13.57 -27.38 7.82
CA ILE A 477 13.71 -27.59 6.37
C ILE A 477 12.31 -27.70 5.73
N GLY A 478 12.02 -26.86 4.74
CA GLY A 478 10.77 -26.99 4.00
C GLY A 478 11.08 -27.32 2.53
N LYS A 479 10.13 -27.05 1.63
CA LYS A 479 10.31 -27.25 0.20
C LYS A 479 9.86 -26.00 -0.53
N VAL A 480 10.77 -25.45 -1.36
CA VAL A 480 10.36 -24.40 -2.28
C VAL A 480 11.03 -24.65 -3.64
N TRP A 481 11.22 -23.61 -4.47
CA TRP A 481 11.72 -23.83 -5.83
C TRP A 481 12.95 -24.72 -5.91
N PRO A 482 14.05 -24.52 -5.15
CA PRO A 482 15.24 -25.36 -5.34
C PRO A 482 15.13 -26.78 -4.79
N GLY A 483 14.00 -27.12 -4.15
CA GLY A 483 13.85 -28.34 -3.37
C GLY A 483 13.88 -28.05 -1.87
N SER A 484 14.56 -28.89 -1.08
CA SER A 484 14.71 -28.69 0.35
C SER A 484 15.36 -27.33 0.61
N THR A 485 14.76 -26.55 1.55
CA THR A 485 15.24 -25.23 1.89
C THR A 485 15.17 -24.94 3.39
N ALA A 486 16.12 -24.11 3.89
CA ALA A 486 16.09 -23.48 5.21
C ALA A 486 15.57 -22.05 5.05
N PHE A 487 15.06 -21.45 6.13
CA PHE A 487 14.41 -20.14 6.08
C PHE A 487 15.13 -19.13 6.96
N PRO A 488 15.72 -18.06 6.39
CA PRO A 488 16.43 -17.06 7.19
C PRO A 488 15.48 -16.42 8.20
N ASP A 489 16.07 -16.08 9.36
CA ASP A 489 15.45 -15.39 10.44
C ASP A 489 15.87 -13.92 10.35
N PHE A 490 15.01 -13.09 9.77
CA PHE A 490 15.36 -11.67 9.60
C PHE A 490 15.18 -10.87 10.90
N THR A 491 14.92 -11.56 12.03
CA THR A 491 14.94 -10.86 13.30
C THR A 491 16.31 -11.02 13.95
N ASN A 492 17.14 -11.96 13.43
CA ASN A 492 18.46 -12.24 13.98
C ASN A 492 19.46 -11.21 13.41
N PRO A 493 20.10 -10.34 14.22
CA PRO A 493 21.08 -9.37 13.71
C PRO A 493 22.16 -10.01 12.85
N THR A 494 22.57 -11.23 13.20
CA THR A 494 23.59 -11.92 12.44
C THR A 494 23.05 -12.30 11.06
N ALA A 495 21.76 -12.67 10.97
CA ALA A 495 21.14 -12.90 9.66
C ALA A 495 21.13 -11.64 8.80
N LEU A 496 20.92 -10.45 9.40
CA LEU A 496 20.93 -9.23 8.59
C LEU A 496 22.31 -9.06 7.94
N ALA A 497 23.36 -9.30 8.74
CA ALA A 497 24.75 -9.13 8.34
C ALA A 497 25.05 -10.10 7.21
N TRP A 498 24.58 -11.33 7.35
CA TRP A 498 24.74 -12.37 6.33
C TRP A 498 23.98 -12.01 5.06
N TRP A 499 22.80 -11.40 5.21
CA TRP A 499 22.01 -11.07 4.04
C TRP A 499 22.73 -9.98 3.24
N GLU A 500 23.31 -9.02 3.95
CA GLU A 500 24.05 -7.91 3.36
C GLU A 500 25.24 -8.41 2.54
N ASP A 501 26.02 -9.35 3.10
CA ASP A 501 27.13 -10.01 2.44
C ASP A 501 26.70 -10.70 1.13
N MET A 502 25.64 -11.52 1.20
CA MET A 502 25.16 -12.25 0.02
C MET A 502 24.75 -11.30 -1.09
N VAL A 503 23.91 -10.32 -0.77
CA VAL A 503 23.51 -9.29 -1.71
C VAL A 503 24.74 -8.56 -2.26
N ALA A 504 25.67 -8.13 -1.38
CA ALA A 504 26.83 -7.36 -1.82
C ALA A 504 27.73 -8.22 -2.71
N GLU A 505 27.95 -9.49 -2.30
CA GLU A 505 28.77 -10.35 -3.12
C GLU A 505 28.13 -10.66 -4.47
N PHE A 506 26.78 -10.83 -4.53
CA PHE A 506 26.15 -11.13 -5.80
C PHE A 506 26.19 -9.88 -6.67
N HIS A 507 26.09 -8.72 -6.03
CA HIS A 507 26.09 -7.44 -6.71
C HIS A 507 27.45 -7.18 -7.37
N ASP A 508 28.57 -7.65 -6.76
CA ASP A 508 29.88 -7.55 -7.40
C ASP A 508 29.95 -8.38 -8.67
N GLN A 509 29.11 -9.41 -8.82
CA GLN A 509 29.12 -10.24 -10.00
C GLN A 509 28.19 -9.66 -11.09
N VAL A 510 27.01 -9.17 -10.70
CA VAL A 510 25.94 -8.69 -11.57
C VAL A 510 25.37 -7.43 -10.92
N PRO A 511 25.55 -6.22 -11.49
CA PRO A 511 25.12 -4.99 -10.82
C PRO A 511 23.62 -4.66 -10.89
N PHE A 512 22.78 -5.52 -10.30
CA PHE A 512 21.33 -5.31 -10.25
C PHE A 512 20.97 -4.02 -9.51
N ASP A 513 19.82 -3.42 -9.84
CA ASP A 513 19.48 -2.11 -9.27
C ASP A 513 18.47 -2.18 -8.13
N GLY A 514 17.98 -3.37 -7.79
CA GLY A 514 17.07 -3.50 -6.67
C GLY A 514 16.67 -4.96 -6.47
N MET A 515 15.68 -5.20 -5.59
CA MET A 515 15.33 -6.57 -5.30
C MET A 515 13.82 -6.73 -5.35
N TRP A 516 13.39 -7.76 -6.07
CA TRP A 516 12.01 -8.24 -6.08
C TRP A 516 11.92 -9.40 -5.06
N ILE A 517 11.39 -9.11 -3.87
CA ILE A 517 11.32 -10.15 -2.87
C ILE A 517 9.94 -10.80 -2.83
N ASP A 518 9.95 -12.07 -3.23
CA ASP A 518 8.78 -12.89 -3.46
C ASP A 518 8.72 -13.95 -2.37
N MET A 519 7.56 -14.60 -2.20
CA MET A 519 7.43 -15.84 -1.44
C MET A 519 7.71 -15.65 0.06
N ASN A 520 7.50 -14.43 0.61
CA ASN A 520 8.05 -14.07 1.91
C ASN A 520 6.96 -14.02 2.96
N GLU A 521 5.98 -14.94 2.82
CA GLU A 521 4.91 -15.09 3.79
C GLU A 521 5.41 -15.59 5.15
N PRO A 522 6.38 -16.54 5.29
CA PRO A 522 7.06 -17.21 4.17
C PRO A 522 6.25 -18.37 3.60
N SER A 523 6.34 -18.56 2.30
CA SER A 523 5.62 -19.60 1.58
C SER A 523 6.41 -20.92 1.57
N ASN A 524 5.69 -22.02 1.82
CA ASN A 524 6.21 -23.36 1.86
C ASN A 524 5.33 -24.27 1.00
N PHE A 525 5.94 -25.08 0.12
CA PHE A 525 5.18 -26.00 -0.74
C PHE A 525 4.57 -27.14 0.05
N ILE A 526 5.04 -27.34 1.28
CA ILE A 526 4.49 -28.40 2.12
C ILE A 526 4.09 -27.74 3.44
N ARG A 527 3.32 -28.50 4.24
CA ARG A 527 2.80 -28.10 5.54
C ARG A 527 3.90 -28.18 6.59
N GLY A 528 4.29 -27.01 7.10
CA GLY A 528 5.16 -26.93 8.25
C GLY A 528 6.63 -27.19 7.91
N SER A 529 7.00 -28.47 7.76
CA SER A 529 8.38 -28.82 7.43
C SER A 529 8.42 -30.24 6.88
N GLU A 530 9.58 -30.64 6.32
CA GLU A 530 9.80 -32.00 5.84
C GLU A 530 9.52 -33.00 6.96
N ASP A 531 9.57 -32.54 8.21
CA ASP A 531 9.51 -33.40 9.37
C ASP A 531 8.20 -33.17 10.11
N GLY A 532 7.21 -32.56 9.44
CA GLY A 532 5.99 -32.10 10.11
C GLY A 532 6.29 -31.14 11.26
N CYS A 533 5.34 -31.04 12.18
CA CYS A 533 5.48 -30.12 13.30
C CYS A 533 5.14 -30.88 14.59
N PRO A 534 5.67 -30.47 15.75
CA PRO A 534 5.23 -31.08 17.00
C PRO A 534 3.77 -30.82 17.38
N ASN A 535 3.30 -31.52 18.42
CA ASN A 535 1.98 -31.28 18.98
C ASN A 535 2.12 -30.44 20.23
N ASN A 536 1.90 -29.12 20.10
CA ASN A 536 1.94 -28.21 21.23
C ASN A 536 0.84 -27.18 21.04
N GLU A 537 0.71 -26.22 21.98
CA GLU A 537 -0.38 -25.25 21.94
C GLU A 537 -0.17 -24.19 20.86
N LEU A 538 1.08 -23.98 20.42
CA LEU A 538 1.32 -23.01 19.36
C LEU A 538 0.84 -23.57 18.00
N GLU A 539 1.13 -24.83 17.72
CA GLU A 539 0.71 -25.44 16.46
C GLU A 539 -0.80 -25.67 16.44
N ASN A 540 -1.39 -26.04 17.60
CA ASN A 540 -2.82 -26.31 17.80
C ASN A 540 -3.36 -25.36 18.86
N PRO A 541 -3.62 -24.08 18.51
CA PRO A 541 -4.13 -23.08 19.46
C PRO A 541 -5.62 -23.18 19.80
N PRO A 542 -6.07 -22.72 20.99
CA PRO A 542 -7.49 -22.82 21.37
C PRO A 542 -8.42 -22.07 20.43
N TYR A 543 -7.91 -21.03 19.75
CA TYR A 543 -8.69 -20.32 18.74
C TYR A 543 -7.89 -20.23 17.45
N VAL A 544 -8.39 -20.87 16.39
CA VAL A 544 -7.79 -20.78 15.07
C VAL A 544 -8.62 -19.77 14.28
N PRO A 545 -8.02 -18.62 13.87
CA PRO A 545 -8.74 -17.65 13.03
C PRO A 545 -9.14 -18.27 11.68
N GLY A 546 -9.95 -17.53 10.91
CA GLY A 546 -10.51 -18.15 9.73
C GLY A 546 -9.52 -18.20 8.57
N VAL A 547 -8.39 -18.88 8.76
CA VAL A 547 -7.38 -18.92 7.70
C VAL A 547 -7.76 -19.98 6.64
N VAL A 548 -7.36 -19.76 5.38
CA VAL A 548 -7.55 -20.78 4.37
C VAL A 548 -6.74 -21.97 4.85
N GLY A 549 -7.33 -23.18 4.74
CA GLY A 549 -6.68 -24.40 5.18
C GLY A 549 -6.96 -24.74 6.64
N GLY A 550 -7.57 -23.79 7.34
CA GLY A 550 -8.02 -24.00 8.70
C GLY A 550 -6.93 -24.37 9.71
N THR A 551 -5.66 -24.07 9.37
CA THR A 551 -4.53 -24.24 10.28
C THR A 551 -3.48 -23.14 10.03
N LEU A 552 -2.73 -22.75 11.08
CA LEU A 552 -1.66 -21.78 10.96
C LEU A 552 -0.45 -22.29 10.17
N GLN A 553 -0.32 -23.61 9.97
CA GLN A 553 0.79 -24.19 9.25
C GLN A 553 0.57 -24.27 7.74
N ALA A 554 -0.68 -24.18 7.26
CA ALA A 554 -0.94 -24.38 5.84
C ALA A 554 -0.14 -23.40 4.98
N ALA A 555 0.55 -23.93 3.97
CA ALA A 555 1.37 -23.17 3.02
C ALA A 555 2.52 -22.43 3.70
N THR A 556 2.87 -22.78 4.96
CA THR A 556 3.94 -22.05 5.64
C THR A 556 4.78 -22.99 6.52
N ILE A 557 5.56 -22.43 7.46
CA ILE A 557 6.43 -23.23 8.32
C ILE A 557 5.75 -23.37 9.69
N CYS A 558 6.24 -24.32 10.52
CA CYS A 558 5.71 -24.52 11.86
C CYS A 558 5.66 -23.24 12.70
N ALA A 559 4.53 -23.09 13.40
CA ALA A 559 4.24 -21.97 14.30
C ALA A 559 5.17 -21.94 15.52
N SER A 560 5.71 -23.09 15.93
CA SER A 560 6.48 -23.16 17.17
C SER A 560 7.97 -23.11 16.88
N SER A 561 8.31 -22.88 15.60
CA SER A 561 9.71 -22.79 15.20
C SER A 561 10.33 -21.54 15.83
N HIS A 562 11.66 -21.54 16.00
CA HIS A 562 12.32 -20.54 16.83
C HIS A 562 12.93 -19.45 15.93
N GLN A 563 12.75 -18.18 16.32
CA GLN A 563 13.52 -17.07 15.76
C GLN A 563 14.22 -16.34 16.91
N PHE A 564 15.15 -15.43 16.56
CA PHE A 564 15.92 -14.73 17.58
C PHE A 564 15.02 -13.96 18.56
N LEU A 565 13.92 -13.34 18.10
CA LEU A 565 13.14 -12.45 18.96
C LEU A 565 11.97 -13.18 19.65
N SER A 566 11.47 -14.26 19.02
CA SER A 566 10.33 -14.98 19.57
C SER A 566 10.07 -16.21 18.67
N THR A 567 8.93 -16.85 18.89
CA THR A 567 8.49 -17.94 18.04
C THR A 567 7.87 -17.37 16.76
N HIS A 568 7.74 -18.25 15.76
CA HIS A 568 7.14 -17.90 14.48
C HIS A 568 5.67 -17.56 14.72
N TYR A 569 5.07 -18.23 15.70
CA TYR A 569 3.69 -17.94 16.07
C TYR A 569 3.47 -16.43 16.18
N ASN A 570 4.37 -15.74 16.89
CA ASN A 570 4.24 -14.31 17.16
C ASN A 570 4.72 -13.47 15.97
N LEU A 571 5.68 -13.97 15.16
CA LEU A 571 6.46 -13.14 14.25
C LEU A 571 6.04 -13.35 12.80
N HIS A 572 5.24 -14.41 12.56
CA HIS A 572 4.86 -14.82 11.22
C HIS A 572 4.42 -13.62 10.37
N ASN A 573 3.57 -12.72 10.90
CA ASN A 573 3.02 -11.65 10.07
C ASN A 573 4.07 -10.59 9.81
N LEU A 574 5.25 -10.70 10.45
CA LEU A 574 6.34 -9.74 10.25
C LEU A 574 7.41 -10.30 9.29
N TYR A 575 7.25 -11.53 8.81
CA TYR A 575 8.33 -12.11 8.04
C TYR A 575 8.74 -11.24 6.86
N GLY A 576 7.77 -10.88 5.99
CA GLY A 576 8.04 -10.10 4.79
C GLY A 576 8.59 -8.72 5.11
N LEU A 577 7.95 -8.05 6.09
CA LEU A 577 8.47 -6.81 6.62
C LEU A 577 9.95 -6.93 7.02
N THR A 578 10.28 -7.88 7.91
CA THR A 578 11.68 -8.01 8.35
C THR A 578 12.62 -8.23 7.16
N GLU A 579 12.19 -9.00 6.15
CA GLU A 579 13.04 -9.19 4.98
C GLU A 579 13.17 -7.88 4.20
N ALA A 580 12.08 -7.08 4.14
CA ALA A 580 12.12 -5.81 3.41
C ALA A 580 13.14 -4.87 4.05
N ILE A 581 13.21 -4.87 5.40
CA ILE A 581 14.15 -4.06 6.16
C ILE A 581 15.58 -4.52 5.84
N ALA A 582 15.80 -5.84 5.89
CA ALA A 582 17.11 -6.44 5.66
C ALA A 582 17.61 -6.10 4.25
N SER A 583 16.73 -6.24 3.28
CA SER A 583 17.04 -6.00 1.87
C SER A 583 17.33 -4.52 1.58
N HIS A 584 16.56 -3.62 2.19
CA HIS A 584 16.69 -2.18 2.06
C HIS A 584 18.09 -1.78 2.53
N ARG A 585 18.44 -2.18 3.77
CA ARG A 585 19.78 -1.97 4.30
C ARG A 585 20.84 -2.58 3.39
N ALA A 586 20.63 -3.84 2.96
CA ALA A 586 21.60 -4.50 2.09
C ALA A 586 21.88 -3.71 0.81
N LEU A 587 20.83 -3.08 0.25
CA LEU A 587 20.98 -2.42 -1.05
C LEU A 587 21.64 -1.06 -0.89
N VAL A 588 21.37 -0.41 0.23
CA VAL A 588 21.98 0.86 0.60
C VAL A 588 23.49 0.65 0.73
N LYS A 589 23.87 -0.42 1.45
CA LYS A 589 25.29 -0.71 1.63
C LYS A 589 25.91 -1.15 0.31
N ALA A 590 25.20 -1.94 -0.50
CA ALA A 590 25.84 -2.48 -1.68
C ALA A 590 25.96 -1.42 -2.76
N ARG A 591 25.04 -0.43 -2.83
CA ARG A 591 25.02 0.45 -3.99
C ARG A 591 25.24 1.93 -3.66
N GLY A 592 25.02 2.36 -2.41
CA GLY A 592 25.27 3.74 -1.99
C GLY A 592 24.23 4.76 -2.46
N THR A 593 23.11 4.29 -3.06
CA THR A 593 21.98 5.11 -3.47
C THR A 593 20.64 4.51 -3.02
N ARG A 594 19.55 5.26 -3.19
CA ARG A 594 18.21 4.81 -2.77
C ARG A 594 17.94 3.37 -3.18
N PRO A 595 17.51 2.51 -2.23
CA PRO A 595 17.08 1.14 -2.57
C PRO A 595 15.73 1.15 -3.27
N PHE A 596 15.50 0.13 -4.10
CA PHE A 596 14.22 -0.16 -4.72
C PHE A 596 13.81 -1.60 -4.39
N VAL A 597 12.89 -1.78 -3.42
CA VAL A 597 12.46 -3.09 -2.93
C VAL A 597 10.97 -3.27 -3.20
N ILE A 598 10.64 -4.32 -3.94
CA ILE A 598 9.23 -4.64 -4.18
C ILE A 598 8.97 -5.99 -3.52
N SER A 599 7.99 -6.03 -2.58
CA SER A 599 7.77 -7.17 -1.71
C SER A 599 6.35 -7.71 -1.89
N ARG A 600 6.17 -9.03 -1.86
CA ARG A 600 4.85 -9.62 -1.85
C ARG A 600 4.16 -9.42 -0.50
N SER A 601 4.70 -10.06 0.55
CA SER A 601 4.15 -10.01 1.91
C SER A 601 4.51 -8.71 2.62
N THR A 602 3.59 -8.17 3.43
CA THR A 602 3.83 -6.89 4.09
C THR A 602 3.15 -6.85 5.45
N PHE A 603 3.54 -5.88 6.27
CA PHE A 603 2.85 -5.55 7.50
C PHE A 603 2.79 -4.03 7.62
N ALA A 604 2.04 -3.55 8.61
CA ALA A 604 1.97 -2.14 8.95
C ALA A 604 3.38 -1.56 9.08
N GLY A 605 3.65 -0.45 8.41
CA GLY A 605 4.98 0.10 8.50
C GLY A 605 5.88 -0.30 7.33
N HIS A 606 5.38 -1.19 6.46
CA HIS A 606 6.13 -1.67 5.30
C HIS A 606 6.59 -0.54 4.37
N GLY A 607 5.76 0.50 4.21
CA GLY A 607 5.98 1.44 3.12
C GLY A 607 7.14 2.40 3.39
N ARG A 608 7.65 2.36 4.63
CA ARG A 608 8.84 3.08 5.05
C ARG A 608 10.07 2.46 4.39
N TYR A 609 9.97 1.18 3.95
CA TYR A 609 11.12 0.43 3.46
C TYR A 609 10.99 -0.02 2.00
N ALA A 610 9.74 -0.26 1.51
CA ALA A 610 9.56 -0.98 0.26
C ALA A 610 8.21 -0.67 -0.38
N GLY A 611 8.04 -1.13 -1.63
CA GLY A 611 6.75 -1.16 -2.29
C GLY A 611 6.14 -2.57 -2.29
N HIS A 612 5.07 -2.77 -3.07
CA HIS A 612 4.25 -3.97 -3.04
C HIS A 612 3.56 -4.11 -4.41
N TRP A 613 3.42 -5.34 -4.89
CA TRP A 613 2.49 -5.64 -5.96
C TRP A 613 1.49 -6.67 -5.42
N THR A 614 0.27 -6.71 -5.97
CA THR A 614 -0.84 -7.43 -5.36
C THR A 614 -0.83 -8.93 -5.68
N GLY A 615 0.21 -9.43 -6.35
CA GLY A 615 0.35 -10.89 -6.37
C GLY A 615 -0.29 -11.51 -7.60
N ASP A 616 -0.69 -12.78 -7.47
CA ASP A 616 -1.04 -13.61 -8.63
C ASP A 616 -2.48 -13.35 -9.03
N VAL A 617 -2.73 -12.17 -9.59
CA VAL A 617 -4.06 -11.86 -10.08
C VAL A 617 -4.31 -12.53 -11.44
N TRP A 618 -5.57 -12.99 -11.65
CA TRP A 618 -6.00 -13.52 -12.93
C TRP A 618 -6.13 -12.42 -13.99
N SER A 619 -5.78 -12.78 -15.23
CA SER A 619 -6.07 -11.90 -16.34
C SER A 619 -7.57 -11.90 -16.61
N SER A 620 -8.32 -11.08 -15.88
CA SER A 620 -9.76 -11.02 -16.08
C SER A 620 -10.29 -9.61 -15.84
N TRP A 621 -11.52 -9.35 -16.29
CA TRP A 621 -12.11 -8.02 -16.11
C TRP A 621 -12.36 -7.73 -14.64
N GLU A 622 -12.69 -8.77 -13.89
CA GLU A 622 -13.00 -8.65 -12.46
C GLU A 622 -11.74 -8.25 -11.67
N GLN A 623 -10.61 -8.86 -12.00
CA GLN A 623 -9.39 -8.54 -11.27
C GLN A 623 -8.90 -7.14 -11.66
N LEU A 624 -9.13 -6.75 -12.93
CA LEU A 624 -8.81 -5.41 -13.35
C LEU A 624 -9.59 -4.45 -12.44
N ALA A 625 -10.89 -4.71 -12.26
CA ALA A 625 -11.74 -3.78 -11.53
C ALA A 625 -11.33 -3.75 -10.04
N SER A 626 -11.03 -4.93 -9.50
CA SER A 626 -10.62 -5.12 -8.10
C SER A 626 -9.29 -4.44 -7.79
N SER A 627 -8.43 -4.25 -8.79
CA SER A 627 -7.12 -3.65 -8.56
C SER A 627 -7.25 -2.18 -8.14
N VAL A 628 -8.34 -1.50 -8.51
CA VAL A 628 -8.43 -0.09 -8.16
C VAL A 628 -8.62 0.06 -6.64
N PRO A 629 -9.65 -0.56 -6.01
CA PRO A 629 -9.79 -0.45 -4.55
C PRO A 629 -8.54 -0.91 -3.80
N GLU A 630 -7.81 -1.88 -4.38
CA GLU A 630 -6.69 -2.48 -3.68
C GLU A 630 -5.50 -1.51 -3.65
N ILE A 631 -5.25 -0.86 -4.78
CA ILE A 631 -4.21 0.14 -4.94
C ILE A 631 -4.51 1.32 -4.00
N LEU A 632 -5.80 1.67 -3.87
CA LEU A 632 -6.19 2.79 -3.03
C LEU A 632 -5.97 2.44 -1.56
N GLN A 633 -6.34 1.20 -1.24
CA GLN A 633 -6.23 0.73 0.14
C GLN A 633 -4.78 0.84 0.60
N PHE A 634 -3.82 0.38 -0.24
CA PHE A 634 -2.42 0.31 0.12
C PHE A 634 -1.88 1.72 0.31
N ASN A 635 -2.41 2.66 -0.50
CA ASN A 635 -2.06 4.06 -0.37
C ASN A 635 -2.53 4.58 0.99
N LEU A 636 -3.70 4.10 1.45
CA LEU A 636 -4.22 4.57 2.73
C LEU A 636 -3.32 4.04 3.85
N LEU A 637 -2.70 2.88 3.59
CA LEU A 637 -1.91 2.15 4.58
C LEU A 637 -0.43 2.57 4.56
N GLY A 638 -0.11 3.59 3.75
CA GLY A 638 1.23 4.14 3.72
C GLY A 638 2.18 3.30 2.86
N VAL A 639 1.60 2.57 1.89
CA VAL A 639 2.41 1.83 0.92
C VAL A 639 2.07 2.33 -0.48
N PRO A 640 2.40 3.60 -0.84
CA PRO A 640 1.92 4.18 -2.09
C PRO A 640 2.62 3.63 -3.33
N LEU A 641 3.81 3.05 -3.17
CA LEU A 641 4.42 2.36 -4.31
C LEU A 641 3.80 0.96 -4.43
N VAL A 642 2.67 0.88 -5.18
CA VAL A 642 1.89 -0.35 -5.28
C VAL A 642 1.25 -0.41 -6.67
N GLY A 643 1.05 -1.62 -7.20
CA GLY A 643 0.26 -1.81 -8.40
C GLY A 643 -0.05 -3.30 -8.50
N ALA A 644 -0.81 -3.69 -9.53
CA ALA A 644 -1.03 -5.06 -9.94
C ALA A 644 -0.23 -5.34 -11.22
N ASP A 645 -0.02 -6.63 -11.52
CA ASP A 645 0.54 -7.03 -12.80
C ASP A 645 -0.32 -6.50 -13.95
N VAL A 646 0.19 -5.52 -14.70
CA VAL A 646 -0.59 -4.97 -15.81
C VAL A 646 -0.93 -6.08 -16.82
N CYS A 647 -2.24 -6.20 -17.12
CA CYS A 647 -2.80 -7.17 -18.07
C CYS A 647 -3.05 -8.50 -17.37
N GLY A 648 -2.62 -8.58 -16.09
CA GLY A 648 -2.85 -9.74 -15.26
C GLY A 648 -1.74 -10.79 -15.39
N PHE A 649 -1.68 -11.62 -14.35
CA PHE A 649 -0.61 -12.58 -14.17
C PHE A 649 -1.05 -13.97 -14.67
N LEU A 650 -2.14 -14.50 -14.10
CA LEU A 650 -2.49 -15.90 -14.32
C LEU A 650 -3.35 -15.99 -15.58
N GLY A 651 -3.27 -17.12 -16.29
CA GLY A 651 -4.14 -17.31 -17.45
C GLY A 651 -3.70 -16.44 -18.63
N ASN A 652 -4.61 -16.22 -19.59
CA ASN A 652 -4.23 -15.55 -20.82
C ASN A 652 -5.01 -14.25 -20.92
N THR A 653 -4.30 -13.13 -21.11
CA THR A 653 -5.00 -11.86 -21.29
C THR A 653 -5.67 -11.86 -22.68
N SER A 654 -6.64 -10.96 -22.88
CA SER A 654 -7.12 -10.65 -24.22
C SER A 654 -6.55 -9.31 -24.66
N GLU A 655 -6.62 -9.02 -25.97
CA GLU A 655 -6.13 -7.74 -26.47
C GLU A 655 -6.89 -6.57 -25.85
N GLU A 656 -8.22 -6.67 -25.84
CA GLU A 656 -9.02 -5.58 -25.29
C GLU A 656 -8.72 -5.44 -23.79
N LEU A 657 -8.62 -6.56 -23.04
CA LEU A 657 -8.32 -6.45 -21.61
C LEU A 657 -6.96 -5.78 -21.37
N CYS A 658 -5.94 -6.18 -22.16
CA CYS A 658 -4.61 -5.60 -22.03
C CYS A 658 -4.61 -4.09 -22.34
N VAL A 659 -5.39 -3.65 -23.32
CA VAL A 659 -5.48 -2.23 -23.65
C VAL A 659 -6.03 -1.45 -22.45
N ARG A 660 -7.18 -1.90 -21.93
CA ARG A 660 -7.80 -1.32 -20.74
C ARG A 660 -6.94 -1.53 -19.48
N TRP A 661 -6.18 -2.64 -19.38
CA TRP A 661 -5.37 -2.79 -18.17
C TRP A 661 -4.18 -1.81 -18.19
N THR A 662 -3.62 -1.57 -19.38
CA THR A 662 -2.50 -0.68 -19.59
C THR A 662 -2.92 0.76 -19.34
N GLN A 663 -4.10 1.14 -19.85
CA GLN A 663 -4.62 2.48 -19.63
C GLN A 663 -4.76 2.72 -18.13
N LEU A 664 -5.44 1.82 -17.41
CA LEU A 664 -5.61 2.06 -15.99
C LEU A 664 -4.25 1.91 -15.30
N GLY A 665 -3.48 0.88 -15.66
CA GLY A 665 -2.23 0.59 -14.98
C GLY A 665 -1.21 1.72 -15.03
N ALA A 666 -1.23 2.51 -16.12
CA ALA A 666 -0.35 3.67 -16.23
C ALA A 666 -0.65 4.67 -15.12
N PHE A 667 -1.75 4.42 -14.37
CA PHE A 667 -2.04 5.27 -13.23
C PHE A 667 -1.78 4.56 -11.90
N TYR A 668 -1.23 3.34 -11.94
CA TYR A 668 -0.76 2.74 -10.70
C TYR A 668 0.52 3.45 -10.36
N PRO A 669 0.79 3.78 -9.08
CA PRO A 669 2.07 4.41 -8.74
C PRO A 669 3.25 3.47 -9.08
N PHE A 670 3.07 2.14 -8.93
CA PHE A 670 4.10 1.19 -9.36
C PHE A 670 3.61 0.43 -10.59
N MET A 671 4.30 0.54 -11.74
CA MET A 671 3.73 0.05 -12.99
C MET A 671 4.60 -1.02 -13.65
N ARG A 672 4.17 -2.27 -13.55
CA ARG A 672 4.89 -3.41 -14.10
C ARG A 672 3.89 -4.38 -14.74
N ASN A 673 4.16 -4.71 -16.02
CA ASN A 673 3.53 -5.79 -16.74
C ASN A 673 4.33 -7.04 -16.43
N HIS A 674 3.68 -8.02 -15.79
CA HIS A 674 4.33 -9.27 -15.42
C HIS A 674 3.40 -10.41 -15.84
N ASN A 675 3.96 -11.61 -16.12
CA ASN A 675 3.21 -12.66 -16.82
C ASN A 675 3.70 -14.04 -16.38
N SER A 676 2.81 -15.03 -16.33
CA SER A 676 3.23 -16.35 -15.85
C SER A 676 3.93 -17.15 -16.95
N LEU A 677 4.54 -18.27 -16.50
CA LEU A 677 5.29 -19.22 -17.32
C LEU A 677 4.45 -19.72 -18.50
N LEU A 678 3.17 -20.04 -18.25
CA LEU A 678 2.33 -20.80 -19.17
C LEU A 678 1.50 -19.88 -20.05
N SER A 679 1.60 -18.57 -19.82
CA SER A 679 0.72 -17.60 -20.43
C SER A 679 1.22 -17.23 -21.83
N LEU A 680 0.27 -16.96 -22.74
CA LEU A 680 0.56 -16.23 -23.97
C LEU A 680 1.26 -14.88 -23.71
N PRO A 681 2.12 -14.38 -24.62
CA PRO A 681 2.89 -13.15 -24.38
C PRO A 681 1.94 -11.96 -24.26
N GLN A 682 2.28 -10.96 -23.44
CA GLN A 682 1.44 -9.77 -23.34
C GLN A 682 2.30 -8.50 -23.28
N GLU A 683 3.54 -8.56 -23.78
CA GLU A 683 4.29 -7.32 -23.87
C GLU A 683 3.53 -6.35 -24.79
N PRO A 684 3.64 -5.01 -24.61
CA PRO A 684 2.98 -4.06 -25.51
C PRO A 684 3.18 -4.29 -27.01
N TYR A 685 4.36 -4.77 -27.41
CA TYR A 685 4.68 -4.87 -28.82
C TYR A 685 4.08 -6.14 -29.42
N SER A 686 3.53 -7.03 -28.58
CA SER A 686 3.06 -8.32 -29.07
C SER A 686 1.60 -8.24 -29.56
N PHE A 687 1.01 -7.05 -29.60
CA PHE A 687 -0.38 -6.85 -29.99
C PHE A 687 -0.52 -6.20 -31.38
N SER A 688 -1.77 -6.19 -31.88
CA SER A 688 -2.17 -5.52 -33.11
C SER A 688 -1.81 -4.04 -33.07
N GLU A 689 -1.72 -3.44 -34.25
CA GLU A 689 -1.26 -2.07 -34.42
C GLU A 689 -2.15 -1.07 -33.67
N PRO A 690 -3.50 -1.12 -33.80
CA PRO A 690 -4.36 -0.19 -33.06
C PRO A 690 -4.22 -0.26 -31.53
N ALA A 691 -4.00 -1.47 -30.99
CA ALA A 691 -3.77 -1.69 -29.57
C ALA A 691 -2.39 -1.16 -29.13
N GLN A 692 -1.34 -1.42 -29.91
CA GLN A 692 -0.04 -0.81 -29.64
C GLN A 692 -0.20 0.70 -29.52
N GLN A 693 -0.97 1.32 -30.41
CA GLN A 693 -1.16 2.77 -30.34
C GLN A 693 -1.78 3.22 -29.01
N ALA A 694 -2.82 2.51 -28.55
CA ALA A 694 -3.48 2.88 -27.30
C ALA A 694 -2.53 2.70 -26.11
N MET A 695 -1.75 1.61 -26.13
CA MET A 695 -0.78 1.30 -25.10
C MET A 695 0.35 2.35 -25.11
N ARG A 696 0.80 2.77 -26.30
CA ARG A 696 1.93 3.68 -26.38
C ARG A 696 1.48 5.02 -25.82
N LYS A 697 0.24 5.39 -26.14
CA LYS A 697 -0.34 6.64 -25.67
C LYS A 697 -0.37 6.60 -24.15
N ALA A 698 -0.75 5.46 -23.54
CA ALA A 698 -0.87 5.45 -22.08
C ALA A 698 0.51 5.58 -21.44
N LEU A 699 1.51 4.89 -22.02
CA LEU A 699 2.88 5.03 -21.52
C LEU A 699 3.40 6.47 -21.68
N THR A 700 3.11 7.11 -22.83
CA THR A 700 3.48 8.49 -23.14
C THR A 700 2.91 9.48 -22.12
N LEU A 701 1.62 9.34 -21.80
CA LEU A 701 1.00 10.21 -20.81
C LEU A 701 1.65 10.02 -19.42
N ARG A 702 1.93 8.75 -19.05
CA ARG A 702 2.55 8.51 -17.76
C ARG A 702 3.91 9.20 -17.71
N TYR A 703 4.70 9.04 -18.78
CA TYR A 703 6.03 9.62 -18.77
C TYR A 703 5.95 11.15 -18.75
N ALA A 704 5.03 11.73 -19.52
CA ALA A 704 4.86 13.18 -19.45
C ALA A 704 4.65 13.64 -17.99
N LEU A 705 3.97 12.83 -17.17
CA LEU A 705 3.49 13.24 -15.86
C LEU A 705 4.48 12.87 -14.75
N LEU A 706 5.60 12.23 -15.11
CA LEU A 706 6.54 11.74 -14.12
C LEU A 706 7.03 12.81 -13.15
N PRO A 707 7.35 14.08 -13.55
CA PRO A 707 7.73 15.11 -12.56
C PRO A 707 6.65 15.34 -11.52
N HIS A 708 5.39 15.33 -11.98
CA HIS A 708 4.23 15.42 -11.11
C HIS A 708 4.16 14.21 -10.16
N LEU A 709 4.23 12.98 -10.72
CA LEU A 709 4.13 11.79 -9.89
C LEU A 709 5.25 11.78 -8.85
N TYR A 710 6.46 12.17 -9.30
CA TYR A 710 7.60 12.27 -8.39
C TYR A 710 7.38 13.27 -7.27
N THR A 711 6.80 14.44 -7.58
CA THR A 711 6.49 15.39 -6.52
C THR A 711 5.48 14.79 -5.54
N LEU A 712 4.48 14.01 -6.03
CA LEU A 712 3.46 13.45 -5.13
C LEU A 712 4.10 12.46 -4.16
N PHE A 713 5.08 11.70 -4.65
CA PHE A 713 5.82 10.81 -3.77
C PHE A 713 6.65 11.63 -2.78
N HIS A 714 7.16 12.80 -3.20
CA HIS A 714 7.88 13.67 -2.27
C HIS A 714 6.97 14.05 -1.11
N GLN A 715 5.72 14.47 -1.40
CA GLN A 715 4.72 14.79 -0.37
C GLN A 715 4.39 13.58 0.51
N ALA A 716 4.38 12.37 -0.06
CA ALA A 716 4.15 11.21 0.76
C ALA A 716 5.33 11.07 1.73
N HIS A 717 6.54 11.19 1.18
CA HIS A 717 7.73 10.97 1.98
C HIS A 717 7.88 11.99 3.12
N VAL A 718 7.60 13.28 2.91
CA VAL A 718 7.86 14.28 3.94
C VAL A 718 6.60 14.61 4.78
N ALA A 719 5.40 14.30 4.29
CA ALA A 719 4.21 14.76 4.99
C ALA A 719 3.20 13.64 5.18
N GLY A 720 3.53 12.41 4.76
CA GLY A 720 2.60 11.31 5.08
C GLY A 720 1.31 11.33 4.25
N GLU A 721 1.34 11.99 3.09
CA GLU A 721 0.28 12.07 2.11
C GLU A 721 0.13 10.77 1.32
N THR A 722 -1.01 10.64 0.61
CA THR A 722 -1.24 9.55 -0.32
C THR A 722 -0.89 10.01 -1.73
N VAL A 723 -0.53 9.05 -2.59
CA VAL A 723 -0.20 9.31 -4.00
C VAL A 723 -1.47 9.07 -4.82
N ALA A 724 -1.91 7.82 -4.96
CA ALA A 724 -3.24 7.51 -5.49
C ALA A 724 -4.21 7.57 -4.30
N ARG A 725 -5.29 8.35 -4.40
CA ARG A 725 -6.23 8.46 -3.28
C ARG A 725 -7.68 8.34 -3.75
N PRO A 726 -8.56 7.76 -2.92
CA PRO A 726 -9.98 7.71 -3.24
C PRO A 726 -10.58 9.11 -3.21
N LEU A 727 -11.67 9.28 -3.96
CA LEU A 727 -12.35 10.57 -3.92
C LEU A 727 -12.69 11.01 -2.49
N PHE A 728 -13.08 10.09 -1.60
CA PHE A 728 -13.54 10.50 -0.28
C PHE A 728 -12.44 11.12 0.57
N LEU A 729 -11.16 10.82 0.26
CA LEU A 729 -10.08 11.48 0.99
C LEU A 729 -9.96 12.95 0.63
N GLU A 730 -10.32 13.27 -0.61
CA GLU A 730 -10.17 14.63 -1.10
C GLU A 730 -11.48 15.42 -0.98
N PHE A 731 -12.65 14.75 -0.96
CA PHE A 731 -13.95 15.38 -0.80
C PHE A 731 -14.79 14.64 0.26
N PRO A 732 -14.28 14.53 1.50
CA PRO A 732 -14.99 13.82 2.56
C PRO A 732 -16.39 14.37 2.84
N LYS A 733 -16.58 15.68 2.72
CA LYS A 733 -17.88 16.27 2.99
C LYS A 733 -18.92 15.94 1.91
N ASP A 734 -18.52 15.39 0.76
CA ASP A 734 -19.52 15.00 -0.22
C ASP A 734 -19.76 13.50 -0.05
N SER A 735 -20.87 13.16 0.65
CA SER A 735 -21.12 11.81 1.10
C SER A 735 -21.31 10.86 -0.10
N SER A 736 -21.59 11.43 -1.28
CA SER A 736 -21.69 10.68 -2.52
C SER A 736 -20.38 9.99 -2.92
N THR A 737 -19.24 10.52 -2.41
CA THR A 737 -17.94 9.99 -2.79
C THR A 737 -17.60 8.75 -1.96
N TRP A 738 -18.32 8.54 -0.85
CA TRP A 738 -17.95 7.55 0.16
C TRP A 738 -17.78 6.14 -0.42
N THR A 739 -18.67 5.73 -1.32
CA THR A 739 -18.60 4.37 -1.87
C THR A 739 -17.93 4.30 -3.24
N VAL A 740 -17.29 5.38 -3.70
CA VAL A 740 -16.63 5.35 -4.99
C VAL A 740 -15.23 4.73 -4.81
N ASP A 741 -14.98 3.61 -5.52
CA ASP A 741 -13.66 2.99 -5.50
C ASP A 741 -13.27 2.48 -6.91
N HIS A 742 -13.98 2.93 -7.96
CA HIS A 742 -13.66 2.51 -9.31
C HIS A 742 -13.11 3.71 -10.11
N GLN A 743 -12.99 4.85 -9.42
CA GLN A 743 -12.20 5.97 -9.90
C GLN A 743 -11.05 6.19 -8.92
N LEU A 744 -9.98 6.86 -9.38
CA LEU A 744 -8.97 7.30 -8.42
C LEU A 744 -8.54 8.73 -8.70
N LEU A 745 -7.90 9.34 -7.70
CA LEU A 745 -7.17 10.58 -7.92
C LEU A 745 -5.68 10.31 -7.80
N TRP A 746 -4.87 11.05 -8.56
CA TRP A 746 -3.47 11.26 -8.20
C TRP A 746 -3.40 12.60 -7.47
N GLY A 747 -3.04 12.57 -6.19
CA GLY A 747 -3.01 13.79 -5.41
C GLY A 747 -4.38 14.48 -5.39
N GLU A 748 -4.35 15.81 -5.46
CA GLU A 748 -5.56 16.58 -5.27
C GLU A 748 -6.28 16.78 -6.60
N ALA A 749 -5.61 16.64 -7.76
CA ALA A 749 -6.03 17.37 -8.95
C ALA A 749 -6.39 16.47 -10.14
N LEU A 750 -5.93 15.21 -10.17
CA LEU A 750 -6.05 14.44 -11.40
C LEU A 750 -7.01 13.27 -11.21
N LEU A 751 -8.17 13.37 -11.88
CA LEU A 751 -9.22 12.41 -11.65
C LEU A 751 -9.17 11.41 -12.80
N ILE A 752 -8.95 10.13 -12.47
CA ILE A 752 -8.87 9.12 -13.52
C ILE A 752 -10.13 8.25 -13.45
N THR A 753 -10.80 8.08 -14.60
CA THR A 753 -12.08 7.39 -14.69
C THR A 753 -12.00 6.26 -15.73
N PRO A 754 -11.49 5.06 -15.36
CA PRO A 754 -11.26 4.01 -16.34
C PRO A 754 -12.49 3.20 -16.70
N VAL A 755 -12.46 2.67 -17.93
CA VAL A 755 -13.32 1.57 -18.33
C VAL A 755 -12.76 0.27 -17.75
N LEU A 756 -13.65 -0.51 -17.09
CA LEU A 756 -13.23 -1.71 -16.39
C LEU A 756 -14.06 -2.90 -16.84
N GLN A 757 -14.64 -2.80 -18.05
CA GLN A 757 -15.57 -3.83 -18.53
C GLN A 757 -15.35 -4.05 -20.02
N ALA A 758 -15.53 -5.31 -20.44
CA ALA A 758 -15.42 -5.65 -21.85
C ALA A 758 -16.54 -4.94 -22.64
N GLY A 759 -16.23 -4.52 -23.88
CA GLY A 759 -17.24 -4.12 -24.85
C GLY A 759 -17.82 -2.73 -24.58
N LYS A 760 -17.20 -1.96 -23.67
CA LYS A 760 -17.71 -0.64 -23.34
C LYS A 760 -17.04 0.45 -24.18
N ALA A 761 -17.83 1.45 -24.58
CA ALA A 761 -17.31 2.62 -25.28
C ALA A 761 -17.71 3.89 -24.52
N GLU A 762 -18.12 3.72 -23.26
CA GLU A 762 -18.40 4.83 -22.36
C GLU A 762 -18.26 4.37 -20.90
N VAL A 763 -18.20 5.35 -19.98
CA VAL A 763 -18.05 5.13 -18.56
C VAL A 763 -18.79 6.25 -17.85
N THR A 764 -19.48 5.90 -16.76
CA THR A 764 -20.15 6.85 -15.87
C THR A 764 -19.28 7.01 -14.61
N GLY A 765 -18.86 8.26 -14.35
CA GLY A 765 -17.93 8.61 -13.27
C GLY A 765 -18.54 9.68 -12.38
N TYR A 766 -18.17 9.69 -11.09
CA TYR A 766 -18.67 10.74 -10.22
C TYR A 766 -17.74 11.93 -10.31
N PHE A 767 -18.31 13.15 -10.37
CA PHE A 767 -17.52 14.36 -10.42
C PHE A 767 -17.88 15.29 -9.27
N PRO A 768 -16.99 15.43 -8.27
CA PRO A 768 -17.26 16.32 -7.14
C PRO A 768 -17.51 17.73 -7.66
N LEU A 769 -18.17 18.56 -6.85
CA LEU A 769 -18.47 19.95 -7.19
C LEU A 769 -17.20 20.70 -7.62
N GLY A 770 -17.30 21.39 -8.77
CA GLY A 770 -16.19 22.14 -9.33
C GLY A 770 -16.10 21.95 -10.85
N THR A 771 -15.11 22.57 -11.49
CA THR A 771 -14.89 22.37 -12.92
C THR A 771 -13.75 21.39 -13.12
N TRP A 772 -13.89 20.49 -14.11
CA TRP A 772 -12.89 19.49 -14.46
C TRP A 772 -12.56 19.55 -15.95
N TYR A 773 -11.31 19.91 -16.25
CA TYR A 773 -10.80 20.06 -17.61
C TYR A 773 -10.32 18.72 -18.15
N ASP A 774 -10.76 18.37 -19.37
CA ASP A 774 -10.34 17.17 -20.06
C ASP A 774 -8.86 17.29 -20.43
N LEU A 775 -8.01 16.34 -20.00
CA LEU A 775 -6.57 16.44 -20.20
C LEU A 775 -6.22 16.26 -21.68
N GLN A 776 -7.15 15.68 -22.47
CA GLN A 776 -6.94 15.56 -23.91
C GLN A 776 -6.68 16.94 -24.53
N THR A 777 -7.10 18.01 -23.86
CA THR A 777 -6.90 19.37 -24.37
C THR A 777 -5.49 19.89 -24.05
N VAL A 778 -4.66 19.13 -23.32
CA VAL A 778 -3.28 19.54 -23.11
C VAL A 778 -2.40 18.81 -24.11
N PRO A 779 -1.57 19.53 -24.93
CA PRO A 779 -0.71 18.86 -25.92
C PRO A 779 0.42 18.06 -25.29
N ILE A 780 0.48 16.77 -25.64
CA ILE A 780 1.49 15.83 -25.16
C ILE A 780 2.16 15.29 -26.43
N GLU A 781 3.51 15.38 -26.50
CA GLU A 781 4.27 15.04 -27.69
C GLU A 781 4.03 13.57 -28.06
N ARG A 794 -16.47 15.84 -27.70
CA ARG A 794 -15.95 15.63 -26.32
C ARG A 794 -15.83 16.99 -25.62
N GLU A 795 -16.44 17.06 -24.42
CA GLU A 795 -16.54 18.30 -23.66
C GLU A 795 -15.15 18.71 -23.17
N PRO A 796 -14.63 19.93 -23.49
CA PRO A 796 -13.37 20.39 -22.91
C PRO A 796 -13.36 20.52 -21.37
N ALA A 797 -14.54 20.68 -20.77
CA ALA A 797 -14.65 20.98 -19.35
C ALA A 797 -15.95 20.41 -18.82
N ILE A 798 -15.87 19.70 -17.69
CA ILE A 798 -17.08 19.27 -16.98
C ILE A 798 -17.35 20.26 -15.85
N HIS A 799 -18.58 20.80 -15.84
CA HIS A 799 -19.02 21.78 -14.85
C HIS A 799 -19.99 21.07 -13.91
N SER A 800 -19.47 20.62 -12.76
CA SER A 800 -20.20 19.69 -11.92
C SER A 800 -20.74 20.41 -10.69
N GLU A 801 -21.95 19.98 -10.28
CA GLU A 801 -22.62 20.33 -9.03
C GLU A 801 -22.36 19.26 -7.95
N GLY A 802 -21.60 18.20 -8.29
CA GLY A 802 -21.60 16.96 -7.51
C GLY A 802 -22.59 15.96 -8.10
N GLN A 803 -22.15 15.23 -9.14
CA GLN A 803 -23.10 14.43 -9.90
C GLN A 803 -22.34 13.37 -10.67
N TRP A 804 -23.06 12.31 -11.06
CA TRP A 804 -22.54 11.32 -11.99
C TRP A 804 -22.64 11.85 -13.41
N VAL A 805 -21.60 11.62 -14.21
CA VAL A 805 -21.54 12.08 -15.58
C VAL A 805 -21.11 10.90 -16.45
N THR A 806 -21.78 10.77 -17.60
CA THR A 806 -21.46 9.73 -18.56
C THR A 806 -20.48 10.31 -19.58
N LEU A 807 -19.35 9.60 -19.79
CA LEU A 807 -18.23 10.07 -20.58
C LEU A 807 -18.02 9.11 -21.75
N PRO A 808 -17.74 9.63 -22.99
CA PRO A 808 -17.34 8.76 -24.09
C PRO A 808 -16.01 8.13 -23.71
N ALA A 809 -15.84 6.84 -24.03
CA ALA A 809 -14.62 6.14 -23.65
C ALA A 809 -14.39 5.00 -24.64
N PRO A 810 -14.08 5.32 -25.92
CA PRO A 810 -13.83 4.28 -26.92
C PRO A 810 -12.51 3.63 -26.53
N LEU A 811 -12.21 2.51 -27.22
CA LEU A 811 -11.15 1.61 -26.81
C LEU A 811 -9.84 2.36 -26.61
N ASP A 812 -9.56 3.36 -27.45
CA ASP A 812 -8.28 4.05 -27.42
C ASP A 812 -8.24 5.19 -26.39
N THR A 813 -9.24 5.27 -25.50
CA THR A 813 -9.32 6.38 -24.56
C THR A 813 -9.38 5.87 -23.11
N ILE A 814 -8.61 6.51 -22.21
CA ILE A 814 -8.99 6.54 -20.80
C ILE A 814 -9.29 7.98 -20.43
N ASN A 815 -10.29 8.18 -19.59
CA ASN A 815 -10.74 9.50 -19.20
C ASN A 815 -9.89 10.02 -18.04
N VAL A 816 -9.33 11.22 -18.23
CA VAL A 816 -8.49 11.87 -17.22
C VAL A 816 -8.86 13.36 -17.16
N HIS A 817 -9.25 13.87 -15.97
CA HIS A 817 -9.54 15.30 -15.87
C HIS A 817 -8.69 15.97 -14.80
N LEU A 818 -8.44 17.27 -15.03
CA LEU A 818 -7.69 18.16 -14.19
C LEU A 818 -8.66 19.14 -13.50
N ARG A 819 -8.69 19.06 -12.17
CA ARG A 819 -9.42 19.95 -11.28
C ARG A 819 -8.98 21.41 -11.49
N ALA A 820 -9.96 22.30 -11.63
CA ALA A 820 -9.71 23.72 -11.73
C ALA A 820 -9.01 24.18 -10.46
N GLY A 821 -8.02 25.08 -10.60
CA GLY A 821 -7.33 25.58 -9.42
C GLY A 821 -5.95 24.99 -9.23
N TYR A 822 -5.52 24.10 -10.15
CA TYR A 822 -4.27 23.37 -10.00
C TYR A 822 -3.41 23.49 -11.25
N ILE A 823 -2.08 23.46 -10.99
CA ILE A 823 -1.02 23.55 -11.98
C ILE A 823 -0.16 22.30 -11.86
N ILE A 824 0.09 21.66 -12.99
CA ILE A 824 0.73 20.36 -13.11
C ILE A 824 2.02 20.55 -13.91
N PRO A 825 3.19 20.09 -13.42
CA PRO A 825 4.43 20.14 -14.21
C PRO A 825 4.50 18.90 -15.09
N LEU A 826 5.00 19.05 -16.32
CA LEU A 826 5.18 17.93 -17.23
C LEU A 826 6.58 18.05 -17.84
N GLN A 827 7.06 16.95 -18.45
CA GLN A 827 8.36 16.87 -19.12
C GLN A 827 8.20 16.12 -20.44
N GLY A 828 9.10 16.45 -21.38
CA GLY A 828 9.13 15.92 -22.74
C GLY A 828 9.41 14.42 -22.79
N PRO A 829 9.34 13.77 -23.96
CA PRO A 829 9.26 12.32 -24.01
C PRO A 829 10.64 11.71 -23.94
N GLY A 830 10.67 10.37 -23.71
CA GLY A 830 11.84 9.52 -23.79
C GLY A 830 11.42 8.07 -23.57
N LEU A 831 12.25 7.13 -24.03
CA LEU A 831 12.01 5.72 -23.84
C LEU A 831 12.54 5.31 -22.46
N THR A 832 13.30 6.19 -21.80
CA THR A 832 13.72 5.98 -20.42
C THR A 832 13.63 7.31 -19.68
N THR A 833 13.69 7.25 -18.33
CA THR A 833 13.77 8.46 -17.52
C THR A 833 15.14 9.13 -17.65
N THR A 834 16.18 8.37 -18.03
CA THR A 834 17.49 8.98 -18.27
C THR A 834 17.39 9.99 -19.41
N GLU A 835 16.65 9.61 -20.45
CA GLU A 835 16.33 10.47 -21.58
C GLU A 835 15.33 11.56 -21.15
N SER A 836 14.18 11.18 -20.58
CA SER A 836 13.07 12.11 -20.38
C SER A 836 13.47 13.24 -19.42
N ARG A 837 14.31 12.91 -18.42
CA ARG A 837 14.79 13.88 -17.44
C ARG A 837 15.62 15.01 -18.06
N GLN A 838 16.12 14.83 -19.29
CA GLN A 838 16.97 15.81 -19.95
C GLN A 838 16.13 16.74 -20.82
N GLN A 839 14.83 16.47 -20.96
CA GLN A 839 13.94 17.17 -21.89
C GLN A 839 13.45 18.48 -21.27
N PRO A 840 12.93 19.42 -22.09
CA PRO A 840 12.25 20.61 -21.58
C PRO A 840 10.95 20.22 -20.91
N MET A 841 10.46 21.14 -20.07
CA MET A 841 9.27 21.02 -19.26
C MET A 841 8.20 22.01 -19.73
N ALA A 842 6.98 21.74 -19.25
CA ALA A 842 5.76 22.43 -19.60
C ALA A 842 4.94 22.55 -18.32
N LEU A 843 4.07 23.55 -18.25
CA LEU A 843 3.04 23.60 -17.23
C LEU A 843 1.67 23.39 -17.87
N ALA A 844 0.78 22.73 -17.12
CA ALA A 844 -0.63 22.69 -17.41
C ALA A 844 -1.35 23.45 -16.30
N VAL A 845 -2.00 24.57 -16.66
CA VAL A 845 -2.60 25.54 -15.75
C VAL A 845 -4.12 25.48 -15.86
N ALA A 846 -4.82 24.91 -14.86
CA ALA A 846 -6.27 24.86 -14.83
C ALA A 846 -6.87 26.01 -14.01
N LEU A 847 -7.41 27.02 -14.70
CA LEU A 847 -7.87 28.20 -13.98
C LEU A 847 -9.19 27.88 -13.27
N THR A 848 -9.36 28.40 -12.05
CA THR A 848 -10.70 28.60 -11.55
C THR A 848 -11.35 29.70 -12.38
N LYS A 849 -12.69 29.70 -12.39
CA LYS A 849 -13.53 30.74 -12.99
C LYS A 849 -13.06 32.15 -12.62
N GLY A 850 -12.60 32.33 -11.36
CA GLY A 850 -12.02 33.57 -10.87
C GLY A 850 -10.54 33.71 -11.22
N GLY A 851 -10.03 32.83 -12.10
CA GLY A 851 -8.70 32.98 -12.70
C GLY A 851 -7.51 32.56 -11.85
N GLU A 852 -7.69 31.63 -10.88
CA GLU A 852 -6.65 31.30 -9.91
C GLU A 852 -6.19 29.87 -10.07
N ALA A 853 -4.90 29.60 -9.75
CA ALA A 853 -4.38 28.23 -9.73
C ALA A 853 -3.05 28.17 -8.98
N ARG A 854 -2.73 26.98 -8.42
CA ARG A 854 -1.51 26.75 -7.65
CA ARG A 854 -1.51 26.75 -7.66
C ARG A 854 -0.98 25.34 -7.94
N GLY A 855 0.34 25.18 -7.92
CA GLY A 855 0.95 23.86 -8.09
C GLY A 855 2.42 23.89 -7.71
N GLU A 856 3.10 22.73 -7.80
CA GLU A 856 4.48 22.69 -7.36
C GLU A 856 5.29 21.63 -8.09
N LEU A 857 6.62 21.82 -7.97
CA LEU A 857 7.64 20.91 -8.49
C LEU A 857 8.74 20.70 -7.45
N PHE A 858 8.94 19.42 -7.09
CA PHE A 858 10.11 18.99 -6.34
C PHE A 858 11.11 18.33 -7.30
N TRP A 859 12.39 18.71 -7.24
CA TRP A 859 13.32 18.07 -8.18
C TRP A 859 14.63 17.80 -7.45
N ASP A 860 15.18 16.60 -7.61
CA ASP A 860 16.53 16.29 -7.12
C ASP A 860 17.25 15.48 -8.21
N ASP A 861 18.34 14.81 -7.82
CA ASP A 861 19.10 14.03 -8.78
C ASP A 861 18.44 12.67 -9.07
N GLY A 862 17.35 12.33 -8.38
CA GLY A 862 16.62 11.13 -8.75
C GLY A 862 17.05 9.85 -8.02
N GLU A 863 18.18 9.85 -7.27
CA GLU A 863 18.61 8.59 -6.68
C GLU A 863 19.45 8.69 -5.41
N SER A 864 20.04 9.85 -5.07
CA SER A 864 20.97 9.84 -3.92
C SER A 864 20.21 9.73 -2.60
N LEU A 865 20.95 9.38 -1.56
CA LEU A 865 20.45 9.33 -0.21
C LEU A 865 20.57 10.70 0.45
N GLU A 866 19.67 10.98 1.40
CA GLU A 866 19.79 12.07 2.35
C GLU A 866 19.61 13.42 1.67
N VAL A 867 18.79 13.45 0.62
CA VAL A 867 18.67 14.62 -0.23
C VAL A 867 18.10 15.82 0.55
N LEU A 868 17.06 15.54 1.36
CA LEU A 868 16.32 16.57 2.07
C LEU A 868 17.19 17.11 3.20
N GLU A 869 17.88 16.19 3.90
CA GLU A 869 18.78 16.51 5.00
C GLU A 869 19.97 17.34 4.48
N ARG A 870 20.51 17.00 3.31
CA ARG A 870 21.64 17.72 2.75
C ARG A 870 21.16 18.96 1.99
N GLY A 871 19.85 19.10 1.74
CA GLY A 871 19.31 20.24 1.02
C GLY A 871 19.56 20.20 -0.49
N ALA A 872 19.78 19.00 -1.05
CA ALA A 872 20.28 18.87 -2.42
C ALA A 872 19.11 18.68 -3.40
N TYR A 873 18.19 19.66 -3.39
CA TYR A 873 17.03 19.63 -4.26
C TYR A 873 16.58 21.05 -4.59
N THR A 874 15.63 21.13 -5.53
CA THR A 874 14.97 22.36 -5.89
C THR A 874 13.47 22.20 -5.71
N GLN A 875 12.83 23.21 -5.11
CA GLN A 875 11.41 23.21 -4.86
C GLN A 875 10.82 24.52 -5.37
N VAL A 876 9.80 24.41 -6.22
CA VAL A 876 9.27 25.60 -6.85
C VAL A 876 7.76 25.54 -6.75
N ILE A 877 7.15 26.72 -6.56
CA ILE A 877 5.70 26.86 -6.54
C ILE A 877 5.29 27.71 -7.73
N PHE A 878 4.14 27.36 -8.32
CA PHE A 878 3.56 28.06 -9.46
C PHE A 878 2.19 28.61 -9.07
N LEU A 879 1.93 29.89 -9.41
CA LEU A 879 0.69 30.60 -9.08
C LEU A 879 0.11 31.26 -10.33
N ALA A 880 -1.17 31.00 -10.61
CA ALA A 880 -1.91 31.80 -11.58
C ALA A 880 -2.86 32.76 -10.86
N ARG A 881 -2.82 34.04 -11.26
CA ARG A 881 -3.67 35.09 -10.69
C ARG A 881 -3.75 36.25 -11.67
N ASN A 882 -4.95 36.82 -11.85
CA ASN A 882 -5.16 38.08 -12.55
C ASN A 882 -4.48 38.09 -13.92
N ASN A 883 -4.66 37.02 -14.70
CA ASN A 883 -4.07 36.90 -16.03
C ASN A 883 -2.54 36.85 -15.96
N THR A 884 -1.98 36.38 -14.84
CA THR A 884 -0.54 36.18 -14.74
C THR A 884 -0.26 34.79 -14.19
N ILE A 885 0.93 34.28 -14.53
CA ILE A 885 1.52 33.03 -14.04
C ILE A 885 2.96 33.35 -13.64
N VAL A 886 3.29 33.12 -12.36
CA VAL A 886 4.62 33.36 -11.81
C VAL A 886 5.08 32.08 -11.13
N ASN A 887 6.41 31.94 -10.92
CA ASN A 887 6.95 30.89 -10.08
C ASN A 887 7.44 31.52 -8.77
N GLU A 888 7.50 30.71 -7.70
CA GLU A 888 8.00 31.18 -6.42
C GLU A 888 9.06 30.17 -5.98
N LEU A 889 10.24 30.66 -5.60
CA LEU A 889 11.41 29.81 -5.45
C LEU A 889 11.60 29.46 -3.97
N VAL A 890 11.07 28.29 -3.57
CA VAL A 890 11.24 27.83 -2.20
C VAL A 890 12.71 27.47 -1.99
N ARG A 891 13.29 26.69 -2.92
CA ARG A 891 14.70 26.36 -2.83
C ARG A 891 15.24 26.09 -4.23
N VAL A 892 16.46 26.56 -4.48
CA VAL A 892 17.09 26.42 -5.79
C VAL A 892 18.54 25.99 -5.60
N THR A 893 18.92 24.86 -6.22
CA THR A 893 20.27 24.35 -6.10
C THR A 893 20.69 23.84 -7.48
N SER A 894 21.91 23.30 -7.60
CA SER A 894 22.46 22.87 -8.88
C SER A 894 21.52 21.87 -9.53
N GLU A 895 20.98 20.94 -8.73
CA GLU A 895 19.95 20.03 -9.19
C GLU A 895 18.63 20.78 -9.29
N GLY A 896 18.26 21.12 -10.53
CA GLY A 896 16.98 21.74 -10.80
C GLY A 896 17.14 23.12 -11.41
N ALA A 897 18.29 23.77 -11.19
CA ALA A 897 18.39 25.16 -11.59
C ALA A 897 18.34 25.32 -13.12
N GLY A 898 18.87 24.35 -13.86
CA GLY A 898 18.85 24.41 -15.31
C GLY A 898 17.71 23.65 -16.01
N LEU A 899 16.56 23.46 -15.34
CA LEU A 899 15.39 22.94 -16.03
C LEU A 899 14.78 24.03 -16.92
N GLN A 900 14.52 23.67 -18.18
CA GLN A 900 14.00 24.58 -19.22
C GLN A 900 12.48 24.49 -19.23
N LEU A 901 11.81 25.65 -19.19
CA LEU A 901 10.37 25.66 -19.38
C LEU A 901 10.10 26.15 -20.81
N GLN A 902 9.49 25.27 -21.62
CA GLN A 902 9.31 25.56 -23.03
C GLN A 902 7.86 25.84 -23.43
N LYS A 903 6.90 25.50 -22.55
CA LYS A 903 5.49 25.48 -22.93
C LYS A 903 4.57 25.72 -21.72
N VAL A 904 3.58 26.60 -21.88
CA VAL A 904 2.59 26.89 -20.86
C VAL A 904 1.19 26.80 -21.51
N THR A 905 0.38 25.84 -21.02
CA THR A 905 -0.99 25.65 -21.50
C THR A 905 -1.97 26.08 -20.42
N VAL A 906 -2.91 26.96 -20.76
CA VAL A 906 -3.86 27.47 -19.78
C VAL A 906 -5.26 27.01 -20.17
N LEU A 907 -5.93 26.32 -19.25
CA LEU A 907 -7.26 25.80 -19.49
C LEU A 907 -8.25 26.77 -18.87
N GLY A 908 -9.38 26.98 -19.56
CA GLY A 908 -10.45 27.84 -19.07
C GLY A 908 -10.20 29.34 -19.29
N VAL A 909 -9.55 29.70 -20.41
CA VAL A 909 -9.41 31.11 -20.75
C VAL A 909 -10.56 31.48 -21.70
N ALA A 910 -11.40 32.41 -21.26
CA ALA A 910 -12.72 32.61 -21.84
C ALA A 910 -12.65 33.37 -23.16
N THR A 911 -11.70 34.30 -23.27
CA THR A 911 -11.61 35.16 -24.43
C THR A 911 -10.20 35.16 -24.99
N ALA A 912 -10.11 35.10 -26.33
CA ALA A 912 -8.88 35.25 -27.09
C ALA A 912 -8.16 36.49 -26.58
N PRO A 913 -6.88 36.37 -26.20
CA PRO A 913 -6.06 37.53 -25.86
C PRO A 913 -5.47 38.17 -27.12
N GLN A 914 -5.06 39.43 -26.99
CA GLN A 914 -4.44 40.20 -28.06
C GLN A 914 -2.92 40.19 -27.88
N GLN A 915 -2.47 40.15 -26.62
CA GLN A 915 -1.05 40.10 -26.31
C GLN A 915 -0.76 39.04 -25.24
N VAL A 916 0.28 38.24 -25.48
CA VAL A 916 0.84 37.33 -24.49
C VAL A 916 2.31 37.71 -24.26
N LEU A 917 2.67 37.99 -23.00
CA LEU A 917 4.01 38.45 -22.68
C LEU A 917 4.70 37.40 -21.81
N SER A 918 6.03 37.31 -22.00
CA SER A 918 6.88 36.54 -21.13
C SER A 918 8.00 37.45 -20.66
N ASN A 919 8.07 37.68 -19.34
CA ASN A 919 9.05 38.63 -18.82
C ASN A 919 8.99 39.97 -19.54
N GLY A 920 7.82 40.35 -20.06
CA GLY A 920 7.58 41.72 -20.46
C GLY A 920 7.69 41.89 -21.96
N VAL A 921 7.92 40.78 -22.67
CA VAL A 921 8.17 40.78 -24.11
C VAL A 921 7.16 39.86 -24.80
N PRO A 922 6.52 40.28 -25.92
CA PRO A 922 5.63 39.38 -26.68
C PRO A 922 6.31 38.06 -27.04
N VAL A 923 5.68 36.94 -26.65
CA VAL A 923 6.24 35.61 -26.90
C VAL A 923 6.31 35.37 -28.41
N SER A 924 7.10 34.36 -28.81
CA SER A 924 7.38 34.12 -30.21
C SER A 924 6.18 33.48 -30.91
N ASN A 925 5.35 32.72 -30.16
CA ASN A 925 4.10 32.16 -30.69
C ASN A 925 3.19 31.63 -29.58
N PHE A 926 1.89 31.81 -29.79
CA PHE A 926 0.86 31.25 -28.96
C PHE A 926 -0.32 30.87 -29.84
N THR A 927 -1.13 29.91 -29.37
CA THR A 927 -2.44 29.65 -29.95
C THR A 927 -3.50 29.79 -28.87
N TYR A 928 -4.66 30.27 -29.32
CA TYR A 928 -5.91 30.30 -28.59
C TYR A 928 -6.95 29.54 -29.42
N SER A 929 -7.68 28.68 -28.74
CA SER A 929 -8.67 27.85 -29.39
C SER A 929 -10.04 28.18 -28.79
N PRO A 930 -10.95 28.85 -29.55
CA PRO A 930 -12.19 29.39 -28.95
C PRO A 930 -13.16 28.27 -28.56
N ASP A 931 -13.02 27.11 -29.22
CA ASP A 931 -13.85 25.97 -28.94
C ASP A 931 -13.53 25.39 -27.55
N THR A 932 -12.23 25.21 -27.25
CA THR A 932 -11.80 24.45 -26.09
C THR A 932 -11.43 25.38 -24.94
N LYS A 933 -11.37 26.69 -25.18
CA LYS A 933 -10.97 27.68 -24.17
C LYS A 933 -9.52 27.50 -23.75
N VAL A 934 -8.68 26.99 -24.66
CA VAL A 934 -7.30 26.69 -24.27
C VAL A 934 -6.38 27.71 -24.94
N LEU A 935 -5.47 28.28 -24.13
CA LEU A 935 -4.41 29.16 -24.60
C LEU A 935 -3.08 28.43 -24.44
N ASP A 936 -2.40 28.16 -25.56
CA ASP A 936 -1.15 27.42 -25.59
C ASP A 936 0.02 28.37 -25.92
N ILE A 937 1.02 28.50 -25.03
CA ILE A 937 2.05 29.54 -25.12
C ILE A 937 3.43 28.89 -25.23
N CYS A 938 4.26 29.31 -26.21
CA CYS A 938 5.65 28.89 -26.27
C CYS A 938 6.49 29.91 -25.50
N VAL A 939 7.48 29.41 -24.74
CA VAL A 939 8.31 30.26 -23.89
C VAL A 939 9.71 29.64 -23.84
N SER A 940 10.65 30.42 -23.30
CA SER A 940 12.01 29.95 -23.06
C SER A 940 12.45 30.43 -21.68
N LEU A 941 12.11 29.66 -20.64
CA LEU A 941 12.31 30.16 -19.28
C LEU A 941 13.03 29.09 -18.49
N LEU A 942 13.43 29.40 -17.24
CA LEU A 942 14.06 28.42 -16.36
C LEU A 942 13.20 28.25 -15.12
N MET A 943 12.90 26.99 -14.76
CA MET A 943 12.14 26.65 -13.56
C MET A 943 12.74 27.32 -12.31
N GLY A 944 14.07 27.44 -12.27
CA GLY A 944 14.74 27.96 -11.08
C GLY A 944 15.01 29.47 -11.11
N GLU A 945 14.48 30.19 -12.12
CA GLU A 945 14.64 31.63 -12.15
C GLU A 945 13.27 32.28 -12.27
N GLN A 946 13.01 33.34 -11.48
CA GLN A 946 11.70 33.99 -11.41
C GLN A 946 11.26 34.53 -12.77
N PHE A 947 10.03 34.17 -13.17
CA PHE A 947 9.44 34.64 -14.40
C PHE A 947 8.06 35.25 -14.13
N LEU A 948 7.50 35.92 -15.14
CA LEU A 948 6.13 36.39 -15.14
C LEU A 948 5.61 36.28 -16.58
N VAL A 949 4.59 35.45 -16.77
CA VAL A 949 3.86 35.27 -18.03
C VAL A 949 2.50 35.92 -17.85
N SER A 950 2.13 36.83 -18.76
CA SER A 950 0.85 37.53 -18.69
C SER A 950 0.16 37.51 -20.06
N TRP A 951 -1.16 37.61 -20.03
CA TRP A 951 -1.95 37.73 -21.24
C TRP A 951 -3.10 38.70 -21.01
N CYS A 952 -3.68 39.21 -22.10
CA CYS A 952 -4.88 40.05 -21.98
C CYS A 952 -5.42 40.39 -23.37
#